data_7P1K
#
_entry.id   7P1K
#
_cell.length_a   1.00
_cell.length_b   1.00
_cell.length_c   1.00
_cell.angle_alpha   90.00
_cell.angle_beta   90.00
_cell.angle_gamma   90.00
#
_symmetry.space_group_name_H-M   'P 1'
#
loop_
_entity.id
_entity.type
_entity.pdbx_description
1 polymer 'mitochondrial sodium/hydrogen exchanger 9B2'
2 non-polymer 'CHOLESTEROL HEMISUCCINATE'
3 non-polymer Phosphatidylinositol
#
_entity_poly.entity_id   1
_entity_poly.type   'polypeptide(L)'
_entity_poly.pdbx_seq_one_letter_code
;MRNQDKRAAHKDSEPSTEVNHTASSYQGRQQETGMNLRGIDGNEPTEGSNLLNNNEKMQGTPAEPNHLQRRRQIHACPPR
GLLARVITNVTMVILLWAVVWSVTGSECLPGGNLFGIIMLFYCAIIGGKLFGLIKLPTLPPLPPLLGMLLAGFLIRNVPV
ISDNIQIKHKWSSALRSIALSVILVRAGLGLDSNALKKLKGVCVRLSLGPCLIEACTSAVLAYFLMGLPWQWGFMLGFVL
GAVSPAVVVPSMLLLQEGGYGVEKGIPTLLMAAGSFDDILAITGFNTCLGMAFSTGSTVFNVLKGVLEVIIGVVTGLVLG
FFIQYFPSSDQDNLVWKRAFLVLGLSVLAVFSSTYFGFPGSGGLCTLVTAFLAGRGWASTKTDVEKVIAVAWDIFQPLLF
GLIGAEVLITALRPETIGLCVATLGIAVLIRILVTYLMVCFAGFNIKEKIFISFAWLPKATVQAAIGSVALDTARSHGEK
QLEGYGMDVLTVAFLSIIITAPVGSLLIGLLGPRLLQKAEQNKDEEDQGETSIQV
;
_entity_poly.pdbx_strand_id   B,A
#
# COMPACT_ATOMS: atom_id res chain seq x y z
N PRO A 79 -9.43 -27.06 -13.29
CA PRO A 79 -10.82 -27.13 -12.82
C PRO A 79 -10.93 -27.76 -11.43
N ARG A 80 -9.87 -28.43 -11.00
CA ARG A 80 -9.86 -29.10 -9.71
C ARG A 80 -9.41 -28.14 -8.62
N GLY A 81 -10.14 -28.13 -7.50
CA GLY A 81 -9.82 -27.21 -6.43
C GLY A 81 -8.49 -27.51 -5.78
N LEU A 82 -8.17 -28.80 -5.61
CA LEU A 82 -6.92 -29.15 -4.95
C LEU A 82 -5.74 -28.67 -5.78
N LEU A 83 -5.80 -28.86 -7.10
CA LEU A 83 -4.72 -28.42 -7.97
C LEU A 83 -4.76 -26.91 -8.18
N ALA A 84 -5.95 -26.31 -8.08
CA ALA A 84 -6.07 -24.88 -8.33
C ALA A 84 -5.43 -24.07 -7.22
N ARG A 85 -5.64 -24.45 -5.96
CA ARG A 85 -5.13 -23.63 -4.87
C ARG A 85 -3.60 -23.60 -4.88
N VAL A 86 -2.97 -24.76 -5.14
CA VAL A 86 -1.51 -24.81 -5.15
C VAL A 86 -0.97 -24.03 -6.34
N ILE A 87 -1.63 -24.13 -7.49
CA ILE A 87 -1.18 -23.38 -8.66
C ILE A 87 -1.45 -21.90 -8.47
N THR A 88 -2.65 -21.54 -8.01
CA THR A 88 -3.00 -20.14 -7.85
C THR A 88 -2.14 -19.46 -6.80
N ASN A 89 -1.92 -20.12 -5.66
CA ASN A 89 -1.13 -19.53 -4.59
C ASN A 89 0.33 -19.37 -5.01
N VAL A 90 0.85 -20.33 -5.76
CA VAL A 90 2.23 -20.23 -6.23
C VAL A 90 2.38 -19.07 -7.21
N THR A 91 1.39 -18.87 -8.08
CA THR A 91 1.44 -17.74 -9.01
C THR A 91 1.36 -16.42 -8.27
N MET A 92 0.54 -16.35 -7.21
CA MET A 92 0.33 -15.09 -6.52
C MET A 92 1.52 -14.68 -5.66
N VAL A 93 2.49 -15.57 -5.48
CA VAL A 93 3.68 -15.23 -4.70
C VAL A 93 4.84 -14.89 -5.62
N ILE A 94 4.95 -15.57 -6.75
CA ILE A 94 5.95 -15.22 -7.75
C ILE A 94 5.59 -13.91 -8.43
N LEU A 95 4.30 -13.67 -8.65
CA LEU A 95 3.87 -12.44 -9.30
C LEU A 95 4.20 -11.22 -8.43
N LEU A 96 4.03 -11.33 -7.12
CA LEU A 96 4.31 -10.21 -6.23
C LEU A 96 5.79 -9.83 -6.27
N TRP A 97 6.68 -10.82 -6.32
CA TRP A 97 8.10 -10.51 -6.39
C TRP A 97 8.47 -9.89 -7.73
N ALA A 98 7.89 -10.38 -8.82
CA ALA A 98 8.22 -9.86 -10.15
C ALA A 98 7.75 -8.41 -10.31
N VAL A 99 6.58 -8.09 -9.78
CA VAL A 99 6.03 -6.74 -9.91
C VAL A 99 6.90 -5.73 -9.18
N VAL A 100 7.30 -6.05 -7.94
CA VAL A 100 8.12 -5.14 -7.15
C VAL A 100 9.52 -5.02 -7.74
N TRP A 101 10.02 -6.10 -8.33
CA TRP A 101 11.34 -6.05 -8.95
C TRP A 101 11.39 -5.10 -10.14
N SER A 102 10.27 -4.98 -10.88
CA SER A 102 10.28 -4.14 -12.07
C SER A 102 10.36 -2.66 -11.71
N VAL A 103 9.61 -2.23 -10.70
CA VAL A 103 9.59 -0.81 -10.36
C VAL A 103 10.91 -0.38 -9.74
N THR A 104 11.50 -1.24 -8.90
CA THR A 104 12.75 -0.94 -8.22
C THR A 104 13.86 -1.79 -8.83
N GLY A 105 14.90 -1.12 -9.33
CA GLY A 105 15.89 -1.79 -10.16
C GLY A 105 16.65 -2.91 -9.47
N SER A 106 17.14 -2.65 -8.26
CA SER A 106 18.02 -3.60 -7.58
C SER A 106 17.51 -4.04 -6.22
N GLU A 107 16.42 -3.47 -5.71
CA GLU A 107 15.93 -3.84 -4.39
C GLU A 107 15.29 -5.21 -4.38
N CYS A 108 14.95 -5.76 -5.54
CA CYS A 108 14.36 -7.08 -5.62
C CYS A 108 15.39 -8.17 -5.89
N LEU A 109 16.66 -7.83 -5.97
CA LEU A 109 17.74 -8.78 -6.20
C LEU A 109 18.34 -9.21 -4.87
N PRO A 110 19.03 -10.35 -4.85
CA PRO A 110 19.68 -10.78 -3.60
C PRO A 110 20.64 -9.72 -3.07
N GLY A 111 20.60 -9.53 -1.76
CA GLY A 111 21.37 -8.47 -1.11
C GLY A 111 20.66 -7.14 -1.00
N GLY A 112 19.49 -6.98 -1.62
CA GLY A 112 18.77 -5.74 -1.53
C GLY A 112 17.92 -5.62 -0.28
N ASN A 113 17.39 -4.41 -0.07
CA ASN A 113 16.59 -4.15 1.13
C ASN A 113 15.22 -4.80 1.03
N LEU A 114 14.55 -4.70 -0.12
CA LEU A 114 13.22 -5.27 -0.26
C LEU A 114 13.26 -6.77 -0.47
N PHE A 115 14.41 -7.33 -0.80
CA PHE A 115 14.52 -8.78 -0.96
C PHE A 115 14.46 -9.49 0.39
N GLY A 116 15.00 -8.86 1.43
CA GLY A 116 14.95 -9.46 2.75
C GLY A 116 13.54 -9.55 3.30
N ILE A 117 12.74 -8.51 3.08
CA ILE A 117 11.37 -8.51 3.60
C ILE A 117 10.53 -9.53 2.85
N ILE A 118 10.71 -9.65 1.54
CA ILE A 118 9.91 -10.57 0.75
C ILE A 118 10.23 -12.01 1.11
N MET A 119 11.53 -12.34 1.17
CA MET A 119 11.90 -13.73 1.45
C MET A 119 11.52 -14.13 2.87
N LEU A 120 11.70 -13.23 3.84
CA LEU A 120 11.35 -13.55 5.22
C LEU A 120 9.84 -13.78 5.37
N PHE A 121 9.04 -13.03 4.62
CA PHE A 121 7.59 -13.23 4.66
C PHE A 121 7.22 -14.58 4.05
N TYR A 122 7.89 -14.97 2.97
CA TYR A 122 7.58 -16.25 2.32
C TYR A 122 8.03 -17.42 3.18
N CYS A 123 9.21 -17.33 3.80
CA CYS A 123 9.69 -18.42 4.65
C CYS A 123 8.80 -18.62 5.87
N ALA A 124 8.34 -17.52 6.48
CA ALA A 124 7.47 -17.64 7.63
C ALA A 124 6.10 -18.18 7.25
N ILE A 125 5.66 -17.92 6.02
CA ILE A 125 4.35 -18.40 5.57
C ILE A 125 4.34 -19.92 5.48
N ILE A 126 5.37 -20.48 4.84
CA ILE A 126 5.43 -21.94 4.69
C ILE A 126 5.73 -22.60 6.04
N GLY A 127 6.47 -21.91 6.90
CA GLY A 127 6.77 -22.48 8.20
C GLY A 127 5.54 -22.72 9.04
N GLY A 128 4.59 -21.79 9.00
CA GLY A 128 3.34 -21.99 9.72
C GLY A 128 2.51 -23.12 9.14
N LYS A 129 2.54 -23.28 7.81
CA LYS A 129 1.76 -24.33 7.18
C LYS A 129 2.31 -25.72 7.51
N LEU A 130 3.63 -25.85 7.57
CA LEU A 130 4.23 -27.16 7.87
C LEU A 130 3.83 -27.63 9.26
N PHE A 131 3.81 -26.72 10.23
CA PHE A 131 3.44 -27.05 11.61
C PHE A 131 1.92 -27.05 11.72
N GLY A 132 1.33 -28.18 11.32
CA GLY A 132 -0.12 -28.33 11.36
C GLY A 132 -0.66 -29.11 10.19
N LEU A 133 0.12 -29.21 9.11
CA LEU A 133 -0.27 -29.97 7.94
C LEU A 133 0.69 -31.09 7.57
N ILE A 134 1.90 -31.07 8.11
CA ILE A 134 2.90 -32.10 7.82
C ILE A 134 3.28 -32.82 9.12
N LYS A 135 3.77 -32.05 10.09
CA LYS A 135 4.21 -32.59 11.38
C LYS A 135 3.21 -32.35 12.49
N LEU A 136 1.92 -32.38 12.20
CA LEU A 136 0.91 -32.14 13.21
C LEU A 136 0.83 -33.33 14.16
N PRO A 137 1.00 -33.12 15.47
CA PRO A 137 0.85 -34.24 16.41
C PRO A 137 -0.60 -34.67 16.52
N THR A 138 -0.78 -35.92 16.94
CA THR A 138 -2.13 -36.48 17.07
C THR A 138 -2.93 -35.69 18.09
N LEU A 139 -2.51 -35.72 19.36
CA LEU A 139 -3.27 -35.04 20.41
C LEU A 139 -2.98 -33.55 20.44
N PRO A 140 -1.74 -33.11 20.57
CA PRO A 140 -1.48 -31.67 20.68
C PRO A 140 -1.36 -31.02 19.32
N PRO A 141 -2.17 -30.00 19.04
CA PRO A 141 -2.04 -29.26 17.78
C PRO A 141 -0.85 -28.30 17.85
N LEU A 142 0.19 -28.60 17.09
CA LEU A 142 1.39 -27.78 17.14
C LEU A 142 1.10 -26.41 16.52
N PRO A 143 1.29 -25.33 17.26
CA PRO A 143 0.90 -24.00 16.76
C PRO A 143 1.83 -23.55 15.64
N PRO A 144 1.33 -22.73 14.71
CA PRO A 144 2.20 -22.18 13.67
C PRO A 144 3.27 -21.25 14.21
N LEU A 145 3.14 -20.76 15.45
CA LEU A 145 4.14 -19.85 15.99
C LEU A 145 5.51 -20.49 16.03
N LEU A 146 5.58 -21.80 16.30
CA LEU A 146 6.87 -22.48 16.34
C LEU A 146 7.55 -22.46 14.98
N GLY A 147 6.78 -22.66 13.90
CA GLY A 147 7.37 -22.59 12.57
C GLY A 147 7.86 -21.21 12.20
N MET A 148 7.07 -20.18 12.51
CA MET A 148 7.47 -18.81 12.19
C MET A 148 8.73 -18.41 12.94
N LEU A 149 8.82 -18.77 14.21
CA LEU A 149 10.02 -18.47 14.98
C LEU A 149 11.24 -19.21 14.42
N LEU A 150 11.05 -20.46 14.00
CA LEU A 150 12.16 -21.23 13.46
C LEU A 150 12.62 -20.71 12.11
N ALA A 151 11.68 -20.27 11.27
CA ALA A 151 12.03 -19.82 9.92
C ALA A 151 12.96 -18.61 9.98
N GLY A 152 12.66 -17.65 10.85
CA GLY A 152 13.55 -16.52 11.02
C GLY A 152 14.85 -16.89 11.72
N PHE A 153 14.80 -17.92 12.57
CA PHE A 153 16.01 -18.36 13.27
C PHE A 153 17.05 -18.91 12.30
N LEU A 154 16.62 -19.67 11.30
CA LEU A 154 17.56 -20.25 10.34
C LEU A 154 18.21 -19.17 9.49
N ILE A 155 17.44 -18.16 9.09
CA ILE A 155 17.96 -17.12 8.20
C ILE A 155 19.11 -16.36 8.88
N ARG A 156 18.93 -16.02 10.15
CA ARG A 156 19.93 -15.23 10.86
C ARG A 156 21.16 -16.03 11.24
N ASN A 157 21.05 -17.35 11.31
CA ASN A 157 22.12 -18.19 11.85
C ASN A 157 22.84 -19.03 10.81
N VAL A 158 22.16 -19.45 9.74
CA VAL A 158 22.83 -20.26 8.71
C VAL A 158 23.87 -19.41 7.99
N PRO A 159 25.12 -19.85 7.94
CA PRO A 159 26.17 -18.99 7.37
C PRO A 159 25.93 -18.61 5.92
N VAL A 160 25.38 -19.51 5.12
CA VAL A 160 25.25 -19.25 3.68
C VAL A 160 23.96 -18.51 3.34
N ILE A 161 23.02 -18.38 4.27
CA ILE A 161 21.78 -17.66 3.99
C ILE A 161 21.63 -16.51 4.99
N SER A 162 22.76 -15.96 5.43
CA SER A 162 22.76 -14.87 6.40
C SER A 162 23.27 -13.56 5.85
N ASP A 163 23.72 -13.56 4.59
CA ASP A 163 24.06 -12.27 3.92
C ASP A 163 23.20 -12.18 2.66
N ASN A 164 22.74 -13.33 2.14
CA ASN A 164 21.82 -13.29 0.99
C ASN A 164 20.52 -12.61 1.41
N ILE A 165 20.03 -12.87 2.63
CA ILE A 165 18.82 -12.16 3.11
C ILE A 165 19.19 -11.30 4.31
N GLN A 166 18.88 -10.00 4.28
CA GLN A 166 19.17 -9.04 5.40
C GLN A 166 18.03 -8.03 5.59
N ILE A 167 18.03 -7.25 6.64
CA ILE A 167 16.96 -6.32 6.94
C ILE A 167 17.50 -5.21 7.83
N LYS A 168 17.24 -3.96 7.44
CA LYS A 168 17.71 -2.82 8.21
C LYS A 168 17.00 -2.75 9.55
N HIS A 169 17.75 -2.34 10.58
CA HIS A 169 17.17 -2.24 11.91
C HIS A 169 15.97 -1.29 11.92
N LYS A 170 16.07 -0.15 11.20
CA LYS A 170 14.98 0.87 11.20
C LYS A 170 13.76 0.34 10.46
N TRP A 171 13.87 -0.68 9.63
CA TRP A 171 12.65 -1.20 8.98
C TRP A 171 12.20 -2.39 9.77
N SER A 172 13.06 -2.97 10.62
CA SER A 172 12.58 -3.97 11.56
C SER A 172 11.75 -3.34 12.66
N SER A 173 12.23 -2.22 13.22
CA SER A 173 11.50 -1.57 14.31
C SER A 173 10.19 -0.97 13.82
N ALA A 174 10.18 -0.36 12.64
CA ALA A 174 8.97 0.26 12.13
C ALA A 174 7.89 -0.78 11.88
N LEU A 175 8.26 -1.90 11.27
CA LEU A 175 7.32 -2.97 10.98
C LEU A 175 6.89 -3.72 12.25
N ARG A 176 7.75 -3.78 13.26
CA ARG A 176 7.44 -4.43 14.52
C ARG A 176 6.32 -3.72 15.28
N SER A 177 6.36 -2.38 15.31
CA SER A 177 5.39 -1.61 16.08
C SER A 177 4.03 -1.54 15.38
N ILE A 178 4.03 -1.54 14.05
CA ILE A 178 2.76 -1.48 13.31
C ILE A 178 1.95 -2.74 13.57
N ALA A 179 2.60 -3.90 13.57
CA ALA A 179 1.88 -5.14 13.84
C ALA A 179 1.34 -5.17 15.26
N LEU A 180 2.03 -4.51 16.20
CA LEU A 180 1.56 -4.45 17.58
C LEU A 180 0.27 -3.65 17.70
N SER A 181 0.15 -2.56 16.93
CA SER A 181 -1.04 -1.72 17.02
C SER A 181 -2.26 -2.44 16.45
N VAL A 182 -2.05 -3.32 15.48
CA VAL A 182 -3.17 -4.01 14.86
C VAL A 182 -3.84 -4.94 15.85
N ILE A 183 -3.07 -5.62 16.56
CA ILE A 183 -3.63 -6.57 17.52
C ILE A 183 -4.29 -5.84 18.68
N LEU A 184 -3.78 -4.66 19.04
CA LEU A 184 -4.35 -3.93 20.16
C LEU A 184 -5.76 -3.42 19.82
N VAL A 185 -5.94 -2.84 18.64
CA VAL A 185 -7.24 -2.31 18.26
C VAL A 185 -8.24 -3.44 18.08
N ARG A 186 -7.79 -4.56 17.50
CA ARG A 186 -8.69 -5.70 17.34
C ARG A 186 -9.06 -6.32 18.68
N ALA A 187 -8.15 -6.27 19.66
CA ALA A 187 -8.48 -6.77 20.99
C ALA A 187 -9.43 -5.83 21.71
N GLY A 188 -9.14 -4.52 21.68
CA GLY A 188 -10.01 -3.57 22.34
C GLY A 188 -11.38 -3.49 21.69
N LEU A 189 -11.44 -3.63 20.37
CA LEU A 189 -12.71 -3.52 19.66
C LEU A 189 -13.65 -4.66 20.04
N GLY A 190 -13.12 -5.87 20.21
CA GLY A 190 -13.93 -7.01 20.58
C GLY A 190 -14.23 -7.15 22.05
N LEU A 191 -13.73 -6.24 22.89
CA LEU A 191 -14.00 -6.31 24.31
C LEU A 191 -15.47 -6.01 24.60
N ASP A 192 -16.02 -6.71 25.60
CA ASP A 192 -17.40 -6.54 26.00
C ASP A 192 -17.48 -5.64 27.22
N SER A 193 -18.29 -4.58 27.11
CA SER A 193 -18.37 -3.58 28.16
C SER A 193 -19.11 -4.10 29.40
N ASN A 194 -20.10 -4.97 29.22
CA ASN A 194 -20.90 -5.42 30.35
C ASN A 194 -20.05 -6.21 31.35
N ALA A 195 -19.18 -7.08 30.84
CA ALA A 195 -18.34 -7.88 31.73
C ALA A 195 -17.30 -7.01 32.43
N LEU A 196 -16.76 -6.01 31.73
CA LEU A 196 -15.71 -5.18 32.31
C LEU A 196 -16.22 -4.38 33.50
N LYS A 197 -17.51 -4.09 33.54
CA LYS A 197 -18.07 -3.29 34.65
C LYS A 197 -17.94 -4.00 35.98
N LYS A 198 -18.17 -5.31 36.03
CA LYS A 198 -18.17 -6.07 37.28
C LYS A 198 -16.80 -6.58 37.67
N LEU A 199 -15.78 -6.36 36.85
CA LEU A 199 -14.44 -6.91 37.07
C LEU A 199 -13.43 -5.80 37.38
N LYS A 200 -13.88 -4.76 38.11
CA LYS A 200 -12.97 -3.68 38.45
C LYS A 200 -11.86 -4.17 39.37
N GLY A 201 -12.23 -4.91 40.43
CA GLY A 201 -11.23 -5.38 41.38
C GLY A 201 -10.30 -6.42 40.83
N VAL A 202 -10.79 -7.34 40.00
CA VAL A 202 -9.98 -8.44 39.52
C VAL A 202 -8.92 -7.96 38.55
N CYS A 203 -9.28 -7.03 37.66
CA CYS A 203 -8.36 -6.60 36.62
C CYS A 203 -7.11 -5.94 37.21
N VAL A 204 -7.30 -5.08 38.21
CA VAL A 204 -6.16 -4.36 38.77
C VAL A 204 -5.24 -5.30 39.53
N ARG A 205 -5.82 -6.26 40.26
CA ARG A 205 -5.01 -7.22 41.00
C ARG A 205 -4.20 -8.11 40.05
N LEU A 206 -4.82 -8.51 38.93
CA LEU A 206 -4.14 -9.42 38.01
C LEU A 206 -2.97 -8.75 37.33
N SER A 207 -3.09 -7.46 37.00
CA SER A 207 -2.02 -6.76 36.29
C SER A 207 -0.93 -6.26 37.21
N LEU A 208 -1.07 -6.40 38.52
CA LEU A 208 -0.09 -5.90 39.47
C LEU A 208 0.60 -7.02 40.25
N GLY A 209 -0.09 -8.12 40.50
CA GLY A 209 0.43 -9.18 41.31
C GLY A 209 1.62 -9.89 40.69
N PRO A 210 1.41 -10.63 39.62
CA PRO A 210 2.51 -11.41 39.03
C PRO A 210 3.68 -10.57 38.57
N CYS A 211 3.43 -9.35 38.09
CA CYS A 211 4.52 -8.53 37.57
C CYS A 211 5.50 -8.14 38.68
N LEU A 212 4.97 -7.71 39.83
CA LEU A 212 5.84 -7.31 40.92
C LEU A 212 6.45 -8.52 41.63
N ILE A 213 5.64 -9.55 41.87
CA ILE A 213 6.10 -10.69 42.65
C ILE A 213 7.19 -11.46 41.89
N GLU A 214 6.98 -11.67 40.59
CA GLU A 214 7.95 -12.42 39.80
C GLU A 214 9.27 -11.67 39.70
N ALA A 215 9.22 -10.35 39.58
CA ALA A 215 10.44 -9.56 39.50
C ALA A 215 11.27 -9.69 40.78
N CYS A 216 10.60 -9.68 41.94
CA CYS A 216 11.32 -9.85 43.19
C CYS A 216 11.96 -11.23 43.29
N THR A 217 11.24 -12.27 42.88
CA THR A 217 11.79 -13.63 42.95
C THR A 217 12.98 -13.78 42.02
N SER A 218 12.92 -13.17 40.83
CA SER A 218 14.03 -13.25 39.89
C SER A 218 15.29 -12.62 40.47
N ALA A 219 15.15 -11.48 41.15
CA ALA A 219 16.30 -10.82 41.74
C ALA A 219 16.92 -11.68 42.84
N VAL A 220 16.09 -12.28 43.68
CA VAL A 220 16.59 -13.13 44.75
C VAL A 220 17.30 -14.36 44.18
N LEU A 221 16.69 -14.99 43.17
CA LEU A 221 17.28 -16.19 42.60
C LEU A 221 18.59 -15.87 41.88
N ALA A 222 18.66 -14.71 41.21
CA ALA A 222 19.86 -14.36 40.49
C ALA A 222 21.06 -14.19 41.42
N TYR A 223 20.84 -13.58 42.59
CA TYR A 223 21.95 -13.35 43.51
C TYR A 223 22.54 -14.66 44.01
N PHE A 224 21.69 -15.65 44.29
CA PHE A 224 22.14 -16.93 44.81
C PHE A 224 22.64 -17.87 43.73
N LEU A 225 22.39 -17.58 42.46
CA LEU A 225 22.81 -18.43 41.36
C LEU A 225 23.67 -17.73 40.33
N MET A 226 23.88 -16.43 40.45
CA MET A 226 24.69 -15.68 39.49
C MET A 226 25.46 -14.60 40.24
N GLY A 227 26.37 -13.95 39.52
CA GLY A 227 27.15 -12.86 40.05
C GLY A 227 26.48 -11.50 39.99
N LEU A 228 25.24 -11.45 39.53
CA LEU A 228 24.54 -10.18 39.40
C LEU A 228 24.19 -9.64 40.79
N PRO A 229 24.54 -8.39 41.09
CA PRO A 229 24.19 -7.82 42.40
C PRO A 229 22.71 -7.45 42.47
N TRP A 230 22.30 -6.80 43.57
CA TRP A 230 20.90 -6.42 43.72
C TRP A 230 20.48 -5.42 42.65
N GLN A 231 21.42 -4.60 42.17
CA GLN A 231 21.09 -3.61 41.15
C GLN A 231 20.64 -4.30 39.87
N TRP A 232 21.43 -5.26 39.37
CA TRP A 232 21.08 -5.95 38.15
C TRP A 232 20.02 -7.02 38.33
N GLY A 233 19.80 -7.47 39.57
CA GLY A 233 18.80 -8.52 39.79
C GLY A 233 17.39 -8.05 39.46
N PHE A 234 17.02 -6.86 39.93
CA PHE A 234 15.68 -6.35 39.67
C PHE A 234 15.51 -6.00 38.20
N MET A 235 16.59 -5.56 37.54
CA MET A 235 16.50 -5.23 36.12
C MET A 235 16.15 -6.47 35.30
N LEU A 236 16.74 -7.62 35.64
CA LEU A 236 16.41 -8.85 34.95
C LEU A 236 14.98 -9.29 35.25
N GLY A 237 14.49 -9.02 36.47
CA GLY A 237 13.16 -9.45 36.83
C GLY A 237 12.07 -8.74 36.03
N PHE A 238 12.21 -7.42 35.87
CA PHE A 238 11.19 -6.67 35.15
C PHE A 238 11.16 -7.03 33.67
N VAL A 239 12.34 -7.27 33.08
CA VAL A 239 12.38 -7.74 31.70
C VAL A 239 11.71 -9.11 31.59
N LEU A 240 12.02 -10.01 32.51
CA LEU A 240 11.47 -11.36 32.48
C LEU A 240 9.97 -11.39 32.77
N GLY A 241 9.48 -10.51 33.62
CA GLY A 241 8.07 -10.52 33.98
C GLY A 241 7.24 -9.59 33.13
N ALA A 242 6.63 -10.13 32.07
CA ALA A 242 5.78 -9.35 31.18
C ALA A 242 5.01 -10.31 30.30
N VAL A 243 3.70 -10.08 30.20
CA VAL A 243 2.81 -10.89 29.39
C VAL A 243 2.67 -10.23 28.01
N SER A 244 2.80 -11.03 26.96
CA SER A 244 2.72 -10.52 25.60
C SER A 244 1.31 -10.62 25.08
N PRO A 245 0.69 -9.52 24.64
CA PRO A 245 -0.69 -9.61 24.15
C PRO A 245 -0.82 -10.20 22.75
N ALA A 246 0.29 -10.29 22.00
CA ALA A 246 0.21 -10.78 20.63
C ALA A 246 0.03 -12.29 20.57
N VAL A 247 0.19 -12.98 21.70
CA VAL A 247 0.09 -14.44 21.72
C VAL A 247 -1.21 -14.92 22.36
N VAL A 248 -1.76 -14.18 23.31
CA VAL A 248 -2.98 -14.59 24.01
C VAL A 248 -4.20 -14.09 23.26
N VAL A 249 -4.15 -12.83 22.82
CA VAL A 249 -5.33 -12.22 22.20
C VAL A 249 -5.81 -13.01 20.98
N PRO A 250 -4.94 -13.44 20.06
CA PRO A 250 -5.43 -14.29 18.97
C PRO A 250 -6.10 -15.56 19.46
N SER A 251 -5.61 -16.15 20.56
CA SER A 251 -6.24 -17.34 21.10
C SER A 251 -7.53 -17.01 21.84
N MET A 252 -7.55 -15.89 22.57
CA MET A 252 -8.75 -15.51 23.29
C MET A 252 -9.90 -15.17 22.35
N LEU A 253 -9.61 -14.48 21.25
CA LEU A 253 -10.67 -14.11 20.32
C LEU A 253 -11.32 -15.36 19.71
N LEU A 254 -10.50 -16.35 19.34
CA LEU A 254 -11.05 -17.59 18.78
C LEU A 254 -11.92 -18.31 19.79
N LEU A 255 -11.48 -18.35 21.06
CA LEU A 255 -12.28 -19.01 22.09
C LEU A 255 -13.60 -18.29 22.32
N GLN A 256 -13.57 -16.96 22.33
CA GLN A 256 -14.79 -16.20 22.56
C GLN A 256 -15.79 -16.39 21.43
N GLU A 257 -15.30 -16.44 20.19
CA GLU A 257 -16.19 -16.61 19.06
C GLU A 257 -16.92 -17.94 19.13
N GLY A 258 -16.20 -19.01 19.50
CA GLY A 258 -16.84 -20.31 19.63
C GLY A 258 -17.88 -20.34 20.75
N GLY A 259 -17.51 -19.80 21.91
CA GLY A 259 -18.42 -19.79 23.04
C GLY A 259 -18.55 -21.15 23.69
N TYR A 260 -18.90 -21.19 24.98
CA TYR A 260 -19.06 -22.45 25.67
C TYR A 260 -20.27 -22.48 26.59
N GLY A 261 -21.25 -21.60 26.36
CA GLY A 261 -22.49 -21.61 27.12
C GLY A 261 -22.48 -20.82 28.40
N VAL A 262 -21.32 -20.28 28.81
CA VAL A 262 -21.25 -19.49 30.03
C VAL A 262 -20.71 -18.10 29.70
N GLU A 263 -19.48 -18.04 29.20
CA GLU A 263 -18.81 -16.79 28.88
C GLU A 263 -18.94 -15.79 30.03
N LYS A 264 -18.39 -16.19 31.18
CA LYS A 264 -18.49 -15.36 32.38
C LYS A 264 -17.79 -14.02 32.22
N GLY A 265 -16.77 -13.95 31.35
CA GLY A 265 -16.02 -12.73 31.17
C GLY A 265 -14.52 -12.96 31.17
N ILE A 266 -14.13 -14.25 31.20
CA ILE A 266 -12.70 -14.58 31.21
C ILE A 266 -12.00 -14.07 29.96
N PRO A 267 -12.51 -14.27 28.75
CA PRO A 267 -11.82 -13.71 27.57
C PRO A 267 -11.66 -12.20 27.63
N THR A 268 -12.66 -11.48 28.14
CA THR A 268 -12.53 -10.03 28.24
C THR A 268 -11.54 -9.64 29.33
N LEU A 269 -11.52 -10.40 30.43
CA LEU A 269 -10.60 -10.09 31.53
C LEU A 269 -9.15 -10.20 31.08
N LEU A 270 -8.83 -11.26 30.32
CA LEU A 270 -7.44 -11.48 29.92
C LEU A 270 -7.00 -10.46 28.88
N MET A 271 -7.88 -10.09 27.96
CA MET A 271 -7.52 -9.15 26.91
C MET A 271 -7.25 -7.77 27.48
N ALA A 272 -8.11 -7.30 28.39
CA ALA A 272 -7.97 -5.94 28.92
C ALA A 272 -6.78 -5.85 29.87
N ALA A 273 -6.63 -6.82 30.76
CA ALA A 273 -5.60 -6.73 31.79
C ALA A 273 -4.20 -6.74 31.18
N GLY A 274 -3.96 -7.58 30.19
CA GLY A 274 -2.63 -7.68 29.62
C GLY A 274 -2.23 -6.56 28.69
N SER A 275 -3.19 -5.70 28.30
CA SER A 275 -2.89 -4.64 27.35
C SER A 275 -2.03 -3.55 27.98
N PHE A 276 -2.37 -3.13 29.20
CA PHE A 276 -1.69 -2.03 29.86
C PHE A 276 -0.65 -2.49 30.88
N ASP A 277 -0.19 -3.74 30.76
CA ASP A 277 0.88 -4.23 31.62
C ASP A 277 2.26 -3.73 31.20
N ASP A 278 2.37 -3.10 30.03
CA ASP A 278 3.65 -2.64 29.52
C ASP A 278 4.23 -1.50 30.35
N ILE A 279 3.37 -0.60 30.84
CA ILE A 279 3.86 0.62 31.48
C ILE A 279 4.63 0.30 32.75
N LEU A 280 4.21 -0.74 33.48
CA LEU A 280 4.92 -1.09 34.70
C LEU A 280 6.27 -1.72 34.39
N ALA A 281 6.33 -2.60 33.39
CA ALA A 281 7.58 -3.30 33.10
C ALA A 281 8.65 -2.32 32.59
N ILE A 282 8.27 -1.41 31.70
CA ILE A 282 9.25 -0.47 31.16
C ILE A 282 9.68 0.53 32.22
N THR A 283 8.76 0.96 33.08
CA THR A 283 9.10 1.93 34.12
C THR A 283 10.11 1.34 35.10
N GLY A 284 9.91 0.09 35.50
CA GLY A 284 10.87 -0.54 36.39
C GLY A 284 12.22 -0.77 35.74
N PHE A 285 12.23 -1.22 34.49
CA PHE A 285 13.48 -1.47 33.79
C PHE A 285 14.26 -0.19 33.56
N ASN A 286 13.58 0.87 33.11
CA ASN A 286 14.26 2.12 32.86
C ASN A 286 14.81 2.73 34.14
N THR A 287 14.00 2.71 35.22
CA THR A 287 14.45 3.26 36.48
C THR A 287 15.62 2.46 37.06
N CYS A 288 15.53 1.13 37.00
CA CYS A 288 16.61 0.30 37.53
C CYS A 288 17.88 0.48 36.73
N LEU A 289 17.77 0.58 35.40
CA LEU A 289 18.95 0.83 34.58
C LEU A 289 19.56 2.19 34.91
N GLY A 290 18.73 3.21 35.13
CA GLY A 290 19.25 4.52 35.49
C GLY A 290 19.95 4.53 36.82
N MET A 291 19.40 3.79 37.80
CA MET A 291 20.03 3.72 39.11
C MET A 291 21.42 3.08 39.02
N ALA A 292 21.54 2.03 38.21
CA ALA A 292 22.84 1.42 38.00
C ALA A 292 23.74 2.23 37.07
N PHE A 293 23.19 3.28 36.44
CA PHE A 293 23.96 4.15 35.57
C PHE A 293 24.57 5.32 36.34
N PHE A 300 12.62 9.70 40.66
CA PHE A 300 13.06 10.50 39.52
C PHE A 300 12.20 10.16 38.30
N ASN A 301 12.38 8.96 37.77
CA ASN A 301 11.59 8.53 36.62
C ASN A 301 10.26 7.93 37.00
N VAL A 302 9.97 7.83 38.31
CA VAL A 302 8.68 7.32 38.76
C VAL A 302 7.56 8.26 38.33
N LEU A 303 7.78 9.56 38.44
CA LEU A 303 6.78 10.54 38.03
C LEU A 303 6.48 10.44 36.54
N LYS A 304 7.50 10.25 35.71
CA LYS A 304 7.25 10.15 34.27
C LYS A 304 6.44 8.89 33.94
N GLY A 305 6.69 7.79 34.64
CA GLY A 305 5.90 6.60 34.40
C GLY A 305 4.44 6.81 34.73
N VAL A 306 4.16 7.63 35.74
CA VAL A 306 2.79 7.98 36.10
C VAL A 306 2.13 8.77 34.98
N LEU A 307 2.87 9.72 34.39
CA LEU A 307 2.30 10.57 33.35
C LEU A 307 1.88 9.76 32.13
N GLU A 308 2.61 8.68 31.83
CA GLU A 308 2.26 7.87 30.67
C GLU A 308 0.87 7.26 30.83
N VAL A 309 0.47 6.96 32.06
CA VAL A 309 -0.90 6.48 32.28
C VAL A 309 -1.90 7.61 32.10
N ILE A 310 -1.56 8.82 32.59
CA ILE A 310 -2.50 9.93 32.49
C ILE A 310 -2.65 10.39 31.04
N ILE A 311 -1.52 10.50 30.33
CA ILE A 311 -1.55 10.98 28.95
C ILE A 311 -2.37 10.06 28.06
N GLY A 312 -2.22 8.75 28.25
CA GLY A 312 -3.00 7.81 27.46
C GLY A 312 -4.49 7.93 27.70
N VAL A 313 -4.88 8.15 28.95
CA VAL A 313 -6.30 8.28 29.28
C VAL A 313 -6.87 9.58 28.72
N VAL A 314 -6.11 10.68 28.86
CA VAL A 314 -6.61 11.97 28.41
C VAL A 314 -6.78 12.01 26.90
N THR A 315 -5.75 11.58 26.17
CA THR A 315 -5.84 11.58 24.70
C THR A 315 -6.74 10.45 24.21
N GLY A 316 -6.89 9.40 25.00
CA GLY A 316 -7.79 8.33 24.61
C GLY A 316 -9.25 8.73 24.69
N LEU A 317 -9.55 9.72 25.54
CA LEU A 317 -10.93 10.14 25.72
C LEU A 317 -11.33 11.20 24.70
N VAL A 318 -10.50 12.22 24.52
CA VAL A 318 -10.80 13.28 23.56
C VAL A 318 -10.82 12.73 22.14
N LEU A 319 -9.84 11.90 21.79
CA LEU A 319 -9.80 11.27 20.48
C LEU A 319 -10.80 10.13 20.35
N GLY A 320 -11.41 9.69 21.45
CA GLY A 320 -12.39 8.62 21.38
C GLY A 320 -13.81 9.12 21.17
N PHE A 321 -14.05 10.39 21.46
CA PHE A 321 -15.37 10.98 21.26
C PHE A 321 -15.51 11.69 19.92
N PHE A 322 -14.46 11.75 19.11
CA PHE A 322 -14.52 12.31 17.77
C PHE A 322 -14.47 11.23 16.70
N ILE A 323 -14.80 9.99 17.08
CA ILE A 323 -14.88 8.90 16.13
C ILE A 323 -16.24 8.22 16.10
N GLN A 324 -17.03 8.27 17.16
CA GLN A 324 -18.36 7.70 17.17
C GLN A 324 -19.44 8.69 16.75
N TYR A 325 -19.07 9.93 16.42
CA TYR A 325 -20.03 10.95 16.04
C TYR A 325 -19.87 11.43 14.61
N PHE A 326 -18.67 11.86 14.21
CA PHE A 326 -18.51 12.45 12.88
C PHE A 326 -18.71 11.43 11.76
N PRO A 327 -17.99 10.31 11.74
CA PRO A 327 -18.26 9.31 10.70
C PRO A 327 -19.57 8.60 10.97
N SER A 328 -20.60 8.94 10.20
CA SER A 328 -21.95 8.43 10.40
C SER A 328 -22.43 7.67 9.17
N SER A 329 -23.64 7.13 9.26
CA SER A 329 -24.21 6.35 8.17
C SER A 329 -24.48 7.19 6.93
N ASP A 330 -24.52 8.52 7.07
CA ASP A 330 -24.79 9.37 5.91
C ASP A 330 -23.70 9.26 4.87
N GLN A 331 -22.44 9.17 5.29
CA GLN A 331 -21.34 9.08 4.34
C GLN A 331 -21.38 7.75 3.60
N ASP A 332 -20.82 7.75 2.41
CA ASP A 332 -20.70 6.54 1.59
C ASP A 332 -19.36 5.88 1.86
N ASN A 333 -19.30 4.58 1.57
CA ASN A 333 -18.11 3.76 1.81
C ASN A 333 -17.69 3.86 3.28
N LEU A 334 -18.70 3.83 4.16
CA LEU A 334 -18.46 3.98 5.58
C LEU A 334 -17.66 2.82 6.16
N VAL A 335 -17.74 1.65 5.52
CA VAL A 335 -17.00 0.48 6.01
C VAL A 335 -15.50 0.72 5.93
N TRP A 336 -15.04 1.30 4.82
CA TRP A 336 -13.62 1.55 4.65
C TRP A 336 -13.18 2.88 5.23
N LYS A 337 -14.10 3.67 5.80
CA LYS A 337 -13.75 4.94 6.40
C LYS A 337 -13.51 4.83 7.91
N ARG A 338 -14.32 4.02 8.59
CA ARG A 338 -14.13 3.85 10.03
C ARG A 338 -12.95 2.94 10.33
N ALA A 339 -12.57 2.08 9.38
CA ALA A 339 -11.43 1.19 9.60
C ALA A 339 -10.11 1.92 9.39
N PHE A 340 -10.10 2.95 8.53
CA PHE A 340 -8.90 3.75 8.36
C PHE A 340 -8.73 4.73 9.51
N LEU A 341 -9.83 5.17 10.12
CA LEU A 341 -9.76 6.15 11.19
C LEU A 341 -9.21 5.54 12.48
N VAL A 342 -9.70 4.35 12.84
CA VAL A 342 -9.24 3.71 14.08
C VAL A 342 -7.81 3.22 13.92
N LEU A 343 -7.51 2.58 12.78
CA LEU A 343 -6.17 2.07 12.56
C LEU A 343 -5.18 3.20 12.32
N GLY A 344 -5.61 4.25 11.61
CA GLY A 344 -4.71 5.37 11.35
C GLY A 344 -4.31 6.12 12.60
N LEU A 345 -5.28 6.37 13.50
CA LEU A 345 -4.97 7.07 14.74
C LEU A 345 -4.22 6.19 15.72
N SER A 346 -4.42 4.87 15.66
CA SER A 346 -3.65 3.97 16.50
C SER A 346 -2.17 3.99 16.14
N VAL A 347 -1.85 4.02 14.85
CA VAL A 347 -0.46 4.09 14.43
C VAL A 347 0.14 5.44 14.78
N LEU A 348 -0.64 6.52 14.66
CA LEU A 348 -0.14 7.84 15.00
C LEU A 348 0.21 7.94 16.47
N ALA A 349 -0.64 7.38 17.34
CA ALA A 349 -0.40 7.49 18.78
C ALA A 349 0.84 6.72 19.20
N VAL A 350 1.07 5.56 18.61
CA VAL A 350 2.20 4.72 19.01
C VAL A 350 3.51 5.37 18.61
N PHE A 351 3.61 5.84 17.36
CA PHE A 351 4.88 6.36 16.87
C PHE A 351 5.14 7.77 17.41
N SER A 352 4.09 8.59 17.54
CA SER A 352 4.27 9.95 18.02
C SER A 352 4.66 9.97 19.50
N SER A 353 4.10 9.06 20.29
CA SER A 353 4.43 9.02 21.72
C SER A 353 5.89 8.66 21.94
N THR A 354 6.40 7.69 21.19
CA THR A 354 7.80 7.30 21.33
C THR A 354 8.73 8.45 20.97
N TYR A 355 8.39 9.20 19.92
CA TYR A 355 9.25 10.29 19.47
C TYR A 355 9.41 11.35 20.55
N PHE A 356 8.30 11.71 21.22
CA PHE A 356 8.37 12.76 22.23
C PHE A 356 9.21 12.35 23.42
N GLY A 357 9.07 11.10 23.86
CA GLY A 357 9.92 10.61 24.93
C GLY A 357 9.24 9.82 26.03
N PHE A 358 7.95 9.54 25.88
CA PHE A 358 7.19 8.76 26.86
C PHE A 358 6.50 7.60 26.17
N PRO A 359 7.24 6.54 25.86
CA PRO A 359 6.62 5.36 25.25
C PRO A 359 5.75 4.62 26.26
N GLY A 360 4.79 3.87 25.71
CA GLY A 360 3.82 3.14 26.49
C GLY A 360 2.48 3.83 26.65
N SER A 361 2.43 5.15 26.41
CA SER A 361 1.15 5.84 26.42
C SER A 361 0.27 5.39 25.25
N GLY A 362 0.88 5.16 24.09
CA GLY A 362 0.12 4.70 22.94
C GLY A 362 -0.36 3.28 23.07
N GLY A 363 0.27 2.50 23.95
CA GLY A 363 -0.18 1.13 24.15
C GLY A 363 -1.60 1.06 24.69
N LEU A 364 -1.92 1.91 25.66
CA LEU A 364 -3.27 1.96 26.19
C LEU A 364 -4.10 3.08 25.58
N CYS A 365 -3.47 3.99 24.83
CA CYS A 365 -4.23 5.03 24.15
C CYS A 365 -5.09 4.43 23.04
N THR A 366 -4.53 3.49 22.27
CA THR A 366 -5.30 2.85 21.21
C THR A 366 -6.26 1.81 21.76
N LEU A 367 -6.02 1.37 22.99
CA LEU A 367 -6.94 0.42 23.63
C LEU A 367 -8.24 1.11 24.04
N VAL A 368 -8.13 2.30 24.65
CA VAL A 368 -9.32 3.05 25.04
C VAL A 368 -10.02 3.64 23.82
N THR A 369 -9.25 4.12 22.85
CA THR A 369 -9.85 4.73 21.67
C THR A 369 -10.69 3.72 20.90
N ALA A 370 -10.19 2.50 20.72
CA ALA A 370 -10.94 1.48 20.02
C ALA A 370 -12.13 0.99 20.84
N PHE A 371 -11.99 0.94 22.16
CA PHE A 371 -13.10 0.51 23.01
C PHE A 371 -14.23 1.52 22.99
N LEU A 372 -13.92 2.81 23.09
CA LEU A 372 -14.97 3.83 23.06
C LEU A 372 -15.66 3.88 21.70
N ALA A 373 -14.90 3.72 20.62
CA ALA A 373 -15.51 3.69 19.30
C ALA A 373 -16.42 2.50 19.14
N GLY A 374 -16.10 1.38 19.80
CA GLY A 374 -16.96 0.21 19.74
C GLY A 374 -18.30 0.43 20.41
N ARG A 375 -18.32 1.23 21.48
CA ARG A 375 -19.58 1.46 22.19
C ARG A 375 -20.57 2.26 21.35
N GLY A 376 -20.06 3.09 20.44
CA GLY A 376 -20.96 3.86 19.59
C GLY A 376 -21.37 3.09 18.35
N TRP A 377 -20.54 2.17 17.90
CA TRP A 377 -20.85 1.35 16.73
C TRP A 377 -21.56 0.08 17.18
N ALA A 378 -22.83 0.20 17.56
CA ALA A 378 -23.59 -0.93 18.06
C ALA A 378 -23.81 -1.98 16.98
N SER A 379 -24.13 -1.55 15.76
CA SER A 379 -24.48 -2.48 14.68
C SER A 379 -23.28 -2.83 13.82
N THR A 380 -22.63 -1.84 13.24
CA THR A 380 -21.59 -2.09 12.24
C THR A 380 -20.24 -2.42 12.86
N LYS A 381 -20.18 -2.72 14.16
CA LYS A 381 -18.90 -3.09 14.77
C LYS A 381 -18.36 -4.38 14.17
N THR A 382 -19.23 -5.37 13.93
CA THR A 382 -18.80 -6.65 13.39
C THR A 382 -18.39 -6.57 11.93
N ASP A 383 -19.00 -5.67 11.14
CA ASP A 383 -18.62 -5.55 9.75
C ASP A 383 -17.20 -5.04 9.59
N VAL A 384 -16.80 -4.07 10.42
CA VAL A 384 -15.42 -3.58 10.40
C VAL A 384 -14.43 -4.63 10.87
N GLU A 385 -14.86 -5.55 11.73
CA GLU A 385 -13.96 -6.57 12.27
C GLU A 385 -13.41 -7.46 11.17
N LYS A 386 -14.20 -7.71 10.12
CA LYS A 386 -13.76 -8.61 9.05
C LYS A 386 -12.55 -8.04 8.32
N VAL A 387 -12.42 -6.71 8.31
CA VAL A 387 -11.28 -6.09 7.63
C VAL A 387 -10.05 -6.16 8.52
N ILE A 388 -10.22 -5.92 9.82
CA ILE A 388 -9.08 -5.94 10.73
C ILE A 388 -8.51 -7.35 10.85
N ALA A 389 -9.38 -8.36 10.81
CA ALA A 389 -8.92 -9.74 10.91
C ALA A 389 -8.02 -10.11 9.74
N VAL A 390 -8.38 -9.67 8.53
CA VAL A 390 -7.54 -9.94 7.37
C VAL A 390 -6.21 -9.21 7.49
N ALA A 391 -6.21 -8.01 8.07
CA ALA A 391 -4.98 -7.26 8.23
C ALA A 391 -4.00 -7.99 9.14
N TRP A 392 -4.49 -8.59 10.22
CA TRP A 392 -3.61 -9.32 11.12
C TRP A 392 -2.99 -10.54 10.45
N ASP A 393 -3.75 -11.20 9.57
CA ASP A 393 -3.22 -12.37 8.88
C ASP A 393 -2.00 -12.02 8.04
N ILE A 394 -1.96 -10.80 7.51
CA ILE A 394 -0.79 -10.35 6.76
C ILE A 394 0.40 -10.16 7.70
N PHE A 395 0.17 -9.54 8.86
CA PHE A 395 1.23 -9.25 9.80
C PHE A 395 1.56 -10.40 10.74
N GLN A 396 0.77 -11.48 10.72
CA GLN A 396 1.04 -12.61 11.62
C GLN A 396 2.39 -13.25 11.31
N PRO A 397 2.70 -13.61 10.06
CA PRO A 397 4.03 -14.19 9.79
C PRO A 397 5.16 -13.18 9.87
N LEU A 398 4.89 -11.92 9.52
CA LEU A 398 5.93 -10.91 9.52
C LEU A 398 6.39 -10.58 10.95
N LEU A 399 5.44 -10.53 11.88
CA LEU A 399 5.77 -10.17 13.25
C LEU A 399 6.68 -11.21 13.90
N PHE A 400 6.28 -12.48 13.85
CA PHE A 400 7.07 -13.53 14.49
C PHE A 400 8.33 -13.88 13.72
N GLY A 401 8.36 -13.65 12.41
CA GLY A 401 9.58 -13.85 11.66
C GLY A 401 10.66 -12.88 12.09
N LEU A 402 10.26 -11.64 12.35
CA LEU A 402 11.21 -10.63 12.80
C LEU A 402 11.61 -10.85 14.26
N ILE A 403 10.72 -11.47 15.04
CA ILE A 403 11.02 -11.71 16.45
C ILE A 403 12.21 -12.64 16.58
N GLY A 404 12.22 -13.71 15.80
CA GLY A 404 13.31 -14.67 15.84
C GLY A 404 14.37 -14.37 14.79
N ALA A 405 14.69 -13.09 14.63
CA ALA A 405 15.67 -12.65 13.64
C ALA A 405 16.88 -11.97 14.25
N GLU A 406 16.99 -11.95 15.58
CA GLU A 406 18.15 -11.36 16.26
C GLU A 406 18.72 -12.31 17.30
N VAL A 407 18.60 -13.61 17.09
CA VAL A 407 19.11 -14.62 18.01
C VAL A 407 20.47 -15.16 17.56
N LEU A 408 21.15 -14.45 16.64
CA LEU A 408 22.45 -14.92 16.20
C LEU A 408 23.50 -14.84 17.29
N ILE A 409 23.34 -13.91 18.23
CA ILE A 409 24.32 -13.78 19.31
C ILE A 409 24.38 -15.05 20.12
N THR A 410 23.21 -15.59 20.48
CA THR A 410 23.10 -16.81 21.26
C THR A 410 22.66 -17.99 20.39
N ALA A 411 23.14 -18.04 19.14
CA ALA A 411 22.78 -19.14 18.25
C ALA A 411 23.25 -20.47 18.82
N LEU A 412 24.53 -20.56 19.15
CA LEU A 412 25.09 -21.75 19.81
C LEU A 412 26.23 -21.27 20.71
N ARG A 413 25.90 -20.99 21.96
CA ARG A 413 26.86 -20.54 22.97
C ARG A 413 26.69 -21.37 24.23
N PRO A 414 27.17 -22.61 24.23
CA PRO A 414 27.11 -23.41 25.46
C PRO A 414 28.10 -22.91 26.51
N GLU A 415 27.58 -22.25 27.54
CA GLU A 415 28.39 -21.67 28.60
C GLU A 415 27.76 -22.00 29.95
N THR A 416 27.36 -23.27 30.12
CA THR A 416 26.65 -23.72 31.31
C THR A 416 25.43 -22.84 31.58
N ILE A 417 24.48 -22.90 30.63
CA ILE A 417 23.29 -22.08 30.69
C ILE A 417 22.27 -22.72 31.62
N GLY A 418 22.68 -23.82 32.28
CA GLY A 418 21.78 -24.45 33.23
C GLY A 418 21.38 -23.52 34.36
N LEU A 419 22.31 -22.68 34.81
CA LEU A 419 21.94 -21.65 35.79
C LEU A 419 20.93 -20.68 35.22
N CYS A 420 21.14 -20.26 33.97
CA CYS A 420 20.15 -19.40 33.31
C CYS A 420 18.83 -20.12 33.12
N VAL A 421 18.88 -21.39 32.71
CA VAL A 421 17.66 -22.18 32.57
C VAL A 421 17.00 -22.39 33.92
N ALA A 422 17.80 -22.68 34.95
CA ALA A 422 17.23 -22.91 36.28
C ALA A 422 16.55 -21.66 36.81
N THR A 423 17.17 -20.49 36.61
CA THR A 423 16.56 -19.24 37.08
C THR A 423 15.24 -18.98 36.36
N LEU A 424 15.20 -19.20 35.05
CA LEU A 424 13.96 -19.01 34.31
C LEU A 424 12.90 -20.02 34.73
N GLY A 425 13.32 -21.28 34.93
CA GLY A 425 12.35 -22.31 35.30
C GLY A 425 11.68 -22.05 36.63
N ILE A 426 12.46 -21.62 37.63
CA ILE A 426 11.89 -21.32 38.94
C ILE A 426 10.94 -20.14 38.85
N ALA A 427 11.33 -19.09 38.12
CA ALA A 427 10.49 -17.91 38.01
C ALA A 427 9.16 -18.21 37.34
N VAL A 428 9.17 -19.07 36.31
CA VAL A 428 7.94 -19.44 35.64
C VAL A 428 7.00 -20.19 36.59
N LEU A 429 7.56 -21.12 37.37
CA LEU A 429 6.74 -21.90 38.29
C LEU A 429 6.15 -21.00 39.38
N ILE A 430 6.94 -20.06 39.89
CA ILE A 430 6.44 -19.15 40.92
C ILE A 430 5.33 -18.27 40.37
N ARG A 431 5.45 -17.88 39.10
CA ARG A 431 4.42 -17.04 38.49
C ARG A 431 3.07 -17.75 38.47
N ILE A 432 3.08 -19.06 38.22
CA ILE A 432 1.82 -19.81 38.20
C ILE A 432 1.13 -19.78 39.55
N LEU A 433 1.91 -19.97 40.63
CA LEU A 433 1.31 -20.03 41.96
C LEU A 433 0.70 -18.69 42.36
N VAL A 434 1.42 -17.59 42.11
CA VAL A 434 0.92 -16.29 42.55
C VAL A 434 -0.31 -15.88 41.75
N THR A 435 -0.34 -16.21 40.45
CA THR A 435 -1.51 -15.89 39.64
C THR A 435 -2.74 -16.63 40.14
N TYR A 436 -2.57 -17.87 40.59
CA TYR A 436 -3.68 -18.60 41.18
C TYR A 436 -4.18 -17.92 42.44
N LEU A 437 -3.26 -17.42 43.26
CA LEU A 437 -3.63 -16.77 44.51
C LEU A 437 -4.37 -15.46 44.26
N MET A 438 -3.95 -14.70 43.25
CA MET A 438 -4.52 -13.38 43.04
C MET A 438 -5.98 -13.43 42.61
N VAL A 439 -6.44 -14.55 42.05
CA VAL A 439 -7.79 -14.63 41.52
C VAL A 439 -8.62 -15.61 42.33
N CYS A 440 -8.25 -15.78 43.60
CA CYS A 440 -8.97 -16.68 44.51
C CYS A 440 -10.01 -15.96 45.34
N PHE A 441 -10.44 -14.76 44.92
CA PHE A 441 -11.39 -13.98 45.71
C PHE A 441 -12.81 -14.47 45.52
N ALA A 442 -13.32 -14.39 44.30
CA ALA A 442 -14.70 -14.79 44.02
C ALA A 442 -14.86 -15.03 42.53
N GLY A 443 -15.95 -15.71 42.18
CA GLY A 443 -16.29 -15.97 40.78
C GLY A 443 -15.66 -17.24 40.25
N PHE A 444 -14.35 -17.21 40.03
CA PHE A 444 -13.64 -18.37 39.50
C PHE A 444 -13.59 -19.45 40.57
N ASN A 445 -14.36 -20.52 40.36
CA ASN A 445 -14.52 -21.52 41.42
C ASN A 445 -13.38 -22.53 41.45
N ILE A 446 -13.24 -23.35 40.41
CA ILE A 446 -12.19 -24.36 40.38
C ILE A 446 -11.42 -24.32 39.06
N LYS A 447 -12.12 -24.50 37.95
CA LYS A 447 -11.46 -24.65 36.66
C LYS A 447 -10.97 -23.32 36.11
N GLU A 448 -11.66 -22.22 36.40
CA GLU A 448 -11.25 -20.94 35.87
C GLU A 448 -9.87 -20.54 36.38
N LYS A 449 -9.55 -20.91 37.62
CA LYS A 449 -8.25 -20.58 38.18
C LYS A 449 -7.14 -21.31 37.44
N ILE A 450 -7.37 -22.56 37.07
CA ILE A 450 -6.33 -23.33 36.38
C ILE A 450 -6.09 -22.78 34.97
N PHE A 451 -7.18 -22.47 34.26
CA PHE A 451 -7.03 -21.95 32.90
C PHE A 451 -6.37 -20.58 32.90
N ILE A 452 -6.76 -19.71 33.81
CA ILE A 452 -6.18 -18.37 33.86
C ILE A 452 -4.72 -18.43 34.26
N SER A 453 -4.36 -19.36 35.15
CA SER A 453 -2.98 -19.46 35.60
C SER A 453 -2.04 -19.80 34.44
N PHE A 454 -2.47 -20.72 33.56
CA PHE A 454 -1.65 -21.10 32.42
C PHE A 454 -1.79 -20.16 31.24
N ALA A 455 -2.75 -19.25 31.26
CA ALA A 455 -2.95 -18.31 30.16
C ALA A 455 -2.12 -17.04 30.31
N TRP A 456 -1.34 -16.92 31.39
CA TRP A 456 -0.51 -15.75 31.62
C TRP A 456 0.97 -16.04 31.36
N LEU A 457 1.29 -17.20 30.78
CA LEU A 457 2.66 -17.62 30.49
C LEU A 457 3.23 -16.99 29.22
N PRO A 458 2.47 -16.92 28.14
CA PRO A 458 3.04 -16.43 26.87
C PRO A 458 3.74 -15.10 27.03
N LYS A 459 4.99 -15.03 26.55
CA LYS A 459 5.87 -13.89 26.77
C LYS A 459 6.81 -13.80 25.56
N ALA A 460 6.42 -12.97 24.59
CA ALA A 460 7.22 -12.94 23.37
C ALA A 460 7.60 -11.54 22.90
N THR A 461 6.70 -10.56 23.02
CA THR A 461 6.88 -9.32 22.28
C THR A 461 7.75 -8.32 23.05
N VAL A 462 7.33 -7.97 24.27
CA VAL A 462 8.04 -6.91 25.00
C VAL A 462 9.44 -7.35 25.37
N GLN A 463 9.68 -8.66 25.47
CA GLN A 463 11.00 -9.15 25.85
C GLN A 463 12.05 -8.72 24.83
N ALA A 464 11.77 -8.93 23.54
CA ALA A 464 12.75 -8.64 22.50
C ALA A 464 13.03 -7.15 22.33
N ALA A 465 12.05 -6.29 22.64
CA ALA A 465 12.24 -4.86 22.43
C ALA A 465 13.27 -4.27 23.38
N ILE A 466 13.22 -4.63 24.66
CA ILE A 466 14.09 -4.03 25.66
C ILE A 466 15.04 -5.08 26.22
N GLY A 467 15.13 -6.23 25.56
CA GLY A 467 16.03 -7.27 26.05
C GLY A 467 17.48 -6.88 25.94
N SER A 468 17.87 -6.28 24.82
CA SER A 468 19.27 -5.96 24.54
C SER A 468 19.61 -4.51 24.80
N VAL A 469 18.73 -3.75 25.43
CA VAL A 469 19.02 -2.35 25.73
C VAL A 469 20.18 -2.25 26.72
N ALA A 470 20.19 -3.13 27.72
CA ALA A 470 21.26 -3.08 28.72
C ALA A 470 22.62 -3.37 28.09
N LEU A 471 22.68 -4.33 27.16
CA LEU A 471 23.95 -4.67 26.54
C LEU A 471 24.41 -3.59 25.56
N ASP A 472 23.47 -2.86 24.96
CA ASP A 472 23.85 -1.76 24.08
C ASP A 472 24.60 -0.68 24.85
N THR A 473 24.13 -0.33 26.05
CA THR A 473 24.82 0.65 26.87
C THR A 473 26.15 0.09 27.38
N ALA A 474 26.20 -1.21 27.66
CA ALA A 474 27.41 -1.82 28.19
C ALA A 474 28.56 -1.72 27.19
N ARG A 475 28.28 -1.97 25.91
CA ARG A 475 29.33 -1.93 24.90
C ARG A 475 29.55 -0.52 24.39
N SER A 476 28.75 0.45 24.86
CA SER A 476 28.86 1.82 24.40
C SER A 476 29.22 2.80 25.48
N HIS A 477 29.09 2.43 26.76
CA HIS A 477 29.44 3.32 27.86
C HIS A 477 30.91 3.24 28.25
N GLY A 478 31.69 2.40 27.59
CA GLY A 478 33.11 2.30 27.86
C GLY A 478 33.51 1.30 28.92
N GLU A 479 32.55 0.72 29.64
CA GLU A 479 32.85 -0.26 30.67
C GLU A 479 32.75 -1.67 30.09
N LYS A 480 33.71 -2.52 30.47
CA LYS A 480 33.72 -3.91 30.04
C LYS A 480 33.39 -4.88 31.15
N GLN A 481 33.50 -4.47 32.41
CA GLN A 481 33.08 -5.35 33.51
C GLN A 481 31.58 -5.61 33.46
N LEU A 482 30.80 -4.57 33.18
CA LEU A 482 29.35 -4.71 33.10
C LEU A 482 28.90 -5.44 31.83
N GLU A 483 29.81 -5.68 30.89
CA GLU A 483 29.43 -6.40 29.67
C GLU A 483 28.98 -7.81 29.99
N GLY A 484 29.65 -8.48 30.94
CA GLY A 484 29.24 -9.81 31.32
C GLY A 484 27.85 -9.85 31.92
N TYR A 485 27.52 -8.85 32.75
CA TYR A 485 26.18 -8.81 33.33
C TYR A 485 25.11 -8.64 32.26
N GLY A 486 25.38 -7.80 31.25
CA GLY A 486 24.42 -7.63 30.18
C GLY A 486 24.23 -8.88 29.35
N MET A 487 25.32 -9.65 29.16
CA MET A 487 25.22 -10.87 28.37
C MET A 487 24.32 -11.90 29.05
N ASP A 488 24.31 -11.92 30.38
CA ASP A 488 23.42 -12.84 31.09
C ASP A 488 21.96 -12.49 30.86
N VAL A 489 21.66 -11.19 30.68
CA VAL A 489 20.28 -10.79 30.42
C VAL A 489 19.81 -11.32 29.07
N LEU A 490 20.69 -11.26 28.07
CA LEU A 490 20.30 -11.75 26.74
C LEU A 490 20.03 -13.25 26.76
N THR A 491 20.82 -14.01 27.50
CA THR A 491 20.65 -15.46 27.53
C THR A 491 19.27 -15.84 28.05
N VAL A 492 18.84 -15.20 29.14
CA VAL A 492 17.54 -15.51 29.71
C VAL A 492 16.42 -14.86 28.90
N ALA A 493 16.65 -13.65 28.40
CA ALA A 493 15.61 -12.95 27.66
C ALA A 493 15.28 -13.68 26.36
N PHE A 494 16.31 -14.14 25.65
CA PHE A 494 16.08 -14.87 24.40
C PHE A 494 15.61 -16.29 24.67
N LEU A 495 16.04 -16.89 25.78
CA LEU A 495 15.63 -18.25 26.10
C LEU A 495 14.14 -18.33 26.43
N SER A 496 13.60 -17.29 27.06
CA SER A 496 12.18 -17.28 27.39
C SER A 496 11.32 -17.27 26.13
N ILE A 497 11.72 -16.49 25.12
CA ILE A 497 10.95 -16.43 23.88
C ILE A 497 10.92 -17.78 23.19
N ILE A 498 12.05 -18.50 23.18
CA ILE A 498 12.10 -19.79 22.52
C ILE A 498 11.24 -20.81 23.24
N ILE A 499 11.19 -20.75 24.57
CA ILE A 499 10.58 -21.80 25.38
C ILE A 499 9.10 -21.51 25.62
N THR A 500 8.82 -20.40 26.31
CA THR A 500 7.48 -20.17 26.85
C THR A 500 6.50 -19.63 25.82
N ALA A 501 6.98 -18.99 24.77
CA ALA A 501 6.08 -18.42 23.77
C ALA A 501 5.29 -19.50 23.03
N PRO A 502 5.95 -20.55 22.53
CA PRO A 502 5.17 -21.61 21.86
C PRO A 502 4.42 -22.51 22.82
N VAL A 503 4.99 -22.82 23.98
CA VAL A 503 4.32 -23.70 24.93
C VAL A 503 3.03 -23.05 25.44
N GLY A 504 3.11 -21.76 25.80
CA GLY A 504 1.93 -21.07 26.28
C GLY A 504 0.83 -20.99 25.23
N SER A 505 1.21 -20.74 23.98
CA SER A 505 0.21 -20.72 22.90
C SER A 505 -0.38 -22.10 22.68
N LEU A 506 0.45 -23.14 22.78
CA LEU A 506 -0.05 -24.51 22.60
C LEU A 506 -0.89 -24.95 23.79
N LEU A 507 -0.52 -24.52 25.00
CA LEU A 507 -1.21 -24.99 26.20
C LEU A 507 -2.67 -24.55 26.19
N ILE A 508 -2.93 -23.29 25.82
CA ILE A 508 -4.29 -22.78 25.83
C ILE A 508 -5.13 -23.45 24.74
N GLY A 509 -4.46 -23.90 23.67
CA GLY A 509 -5.19 -24.49 22.56
C GLY A 509 -5.93 -25.76 22.95
N LEU A 510 -5.26 -26.66 23.66
CA LEU A 510 -5.85 -27.93 24.06
C LEU A 510 -6.47 -27.90 25.44
N LEU A 511 -6.28 -26.82 26.20
CA LEU A 511 -6.81 -26.71 27.55
C LEU A 511 -8.04 -25.82 27.66
N GLY A 512 -8.29 -24.97 26.66
CA GLY A 512 -9.44 -24.08 26.69
C GLY A 512 -10.77 -24.81 26.67
N PRO A 513 -10.95 -25.71 25.70
CA PRO A 513 -12.21 -26.45 25.59
C PRO A 513 -12.38 -27.56 26.61
N ARG A 514 -11.55 -27.63 27.65
CA ARG A 514 -11.63 -28.70 28.63
C ARG A 514 -11.86 -28.23 30.06
N LEU A 515 -11.86 -26.92 30.31
CA LEU A 515 -11.99 -26.41 31.67
C LEU A 515 -13.21 -25.50 31.86
N LEU A 516 -13.64 -24.78 30.83
CA LEU A 516 -14.76 -23.85 30.94
C LEU A 516 -15.90 -24.29 30.02
N GLN A 517 -16.17 -25.59 30.01
CA GLN A 517 -17.24 -26.13 29.17
C GLN A 517 -18.57 -26.11 29.91
N PRO B 79 -23.85 15.98 13.22
CA PRO B 79 -24.77 14.98 12.67
C PRO B 79 -25.38 15.42 11.34
N ARG B 80 -25.26 16.71 11.03
CA ARG B 80 -25.77 17.24 9.77
C ARG B 80 -24.98 16.68 8.60
N GLY B 81 -25.71 16.34 7.53
CA GLY B 81 -25.07 15.69 6.39
C GLY B 81 -24.03 16.57 5.73
N LEU B 82 -24.37 17.84 5.49
CA LEU B 82 -23.42 18.73 4.84
C LEU B 82 -22.21 18.99 5.73
N LEU B 83 -22.44 19.18 7.03
CA LEU B 83 -21.34 19.46 7.95
C LEU B 83 -20.49 18.21 8.18
N ALA B 84 -21.12 17.04 8.17
CA ALA B 84 -20.37 15.80 8.40
C ALA B 84 -19.43 15.50 7.25
N ARG B 85 -19.87 15.78 6.01
CA ARG B 85 -19.03 15.47 4.85
C ARG B 85 -17.77 16.32 4.86
N VAL B 86 -17.90 17.61 5.16
CA VAL B 86 -16.74 18.50 5.15
C VAL B 86 -15.82 18.19 6.32
N ILE B 87 -16.39 17.88 7.48
CA ILE B 87 -15.58 17.61 8.66
C ILE B 87 -14.80 16.31 8.49
N THR B 88 -15.45 15.28 7.95
CA THR B 88 -14.78 13.99 7.80
C THR B 88 -13.60 14.08 6.84
N ASN B 89 -13.78 14.78 5.72
CA ASN B 89 -12.71 14.86 4.72
C ASN B 89 -11.50 15.61 5.27
N VAL B 90 -11.73 16.65 6.07
CA VAL B 90 -10.61 17.41 6.64
C VAL B 90 -9.76 16.52 7.55
N THR B 91 -10.42 15.70 8.38
CA THR B 91 -9.67 14.80 9.25
C THR B 91 -8.93 13.74 8.45
N MET B 92 -9.56 13.21 7.40
CA MET B 92 -8.98 12.10 6.66
C MET B 92 -7.81 12.52 5.79
N VAL B 93 -7.61 13.82 5.61
CA VAL B 93 -6.48 14.30 4.82
C VAL B 93 -5.32 14.70 5.73
N ILE B 94 -5.62 15.28 6.89
CA ILE B 94 -4.59 15.59 7.86
C ILE B 94 -4.06 14.32 8.51
N LEU B 95 -4.92 13.32 8.68
CA LEU B 95 -4.48 12.06 9.27
C LEU B 95 -3.50 11.34 8.34
N LEU B 96 -3.74 11.40 7.03
CA LEU B 96 -2.84 10.73 6.08
C LEU B 96 -1.44 11.33 6.12
N TRP B 97 -1.34 12.65 6.21
CA TRP B 97 -0.02 13.27 6.30
C TRP B 97 0.64 12.98 7.64
N ALA B 98 -0.14 13.00 8.72
CA ALA B 98 0.42 12.82 10.05
C ALA B 98 0.96 11.40 10.24
N VAL B 99 0.24 10.40 9.72
CA VAL B 99 0.65 9.02 9.87
C VAL B 99 1.98 8.76 9.18
N VAL B 100 2.14 9.28 7.96
CA VAL B 100 3.36 9.09 7.20
C VAL B 100 4.54 9.81 7.83
N TRP B 101 4.31 10.99 8.40
CA TRP B 101 5.40 11.74 9.03
C TRP B 101 5.95 11.00 10.24
N SER B 102 5.10 10.26 10.95
CA SER B 102 5.56 9.56 12.15
C SER B 102 6.49 8.41 11.80
N VAL B 103 6.12 7.59 10.82
CA VAL B 103 6.93 6.41 10.49
C VAL B 103 8.22 6.83 9.81
N THR B 104 8.16 7.81 8.92
CA THR B 104 9.32 8.30 8.18
C THR B 104 9.80 9.61 8.80
N GLY B 105 11.07 9.66 9.17
CA GLY B 105 11.57 10.75 9.98
C GLY B 105 11.47 12.13 9.36
N SER B 106 11.93 12.27 8.12
CA SER B 106 12.00 13.57 7.47
C SER B 106 11.41 13.61 6.07
N GLU B 107 11.00 12.48 5.51
CA GLU B 107 10.47 12.47 4.16
C GLU B 107 9.15 13.21 4.04
N CYS B 108 8.48 13.49 5.15
CA CYS B 108 7.19 14.15 5.11
C CYS B 108 7.25 15.61 5.55
N LEU B 109 8.44 16.18 5.68
CA LEU B 109 8.64 17.59 5.96
C LEU B 109 8.82 18.37 4.67
N PRO B 110 8.64 19.69 4.70
CA PRO B 110 8.85 20.48 3.49
C PRO B 110 10.25 20.26 2.94
N GLY B 111 10.33 20.09 1.62
CA GLY B 111 11.57 19.71 0.97
C GLY B 111 11.79 18.21 0.85
N GLY B 112 10.91 17.39 1.40
CA GLY B 112 11.06 15.95 1.31
C GLY B 112 10.40 15.36 0.08
N ASN B 113 10.75 14.11 -0.20
CA ASN B 113 10.22 13.43 -1.38
C ASN B 113 8.76 13.04 -1.20
N LEU B 114 8.39 12.54 -0.01
CA LEU B 114 7.00 12.16 0.21
C LEU B 114 6.11 13.36 0.43
N PHE B 115 6.68 14.52 0.79
CA PHE B 115 5.87 15.72 0.96
C PHE B 115 5.46 16.30 -0.38
N GLY B 116 6.34 16.22 -1.38
CA GLY B 116 5.98 16.72 -2.70
C GLY B 116 4.87 15.92 -3.35
N ILE B 117 4.88 14.60 -3.13
CA ILE B 117 3.84 13.75 -3.70
C ILE B 117 2.50 14.00 -3.02
N ILE B 118 2.51 14.12 -1.69
CA ILE B 118 1.27 14.29 -0.94
C ILE B 118 0.66 15.65 -1.24
N MET B 119 1.47 16.71 -1.21
CA MET B 119 0.94 18.05 -1.46
C MET B 119 0.39 18.18 -2.87
N LEU B 120 1.09 17.63 -3.85
CA LEU B 120 0.59 17.64 -5.22
C LEU B 120 -0.71 16.86 -5.34
N PHE B 121 -0.84 15.77 -4.60
CA PHE B 121 -2.07 14.99 -4.62
C PHE B 121 -3.24 15.79 -4.04
N TYR B 122 -2.99 16.53 -2.95
CA TYR B 122 -4.05 17.33 -2.36
C TYR B 122 -4.42 18.51 -3.24
N CYS B 123 -3.42 19.19 -3.82
CA CYS B 123 -3.70 20.35 -4.65
C CYS B 123 -4.51 19.96 -5.89
N ALA B 124 -4.19 18.83 -6.50
CA ALA B 124 -4.95 18.38 -7.67
C ALA B 124 -6.36 17.98 -7.29
N ILE B 125 -6.55 17.43 -6.08
CA ILE B 125 -7.88 17.03 -5.64
C ILE B 125 -8.78 18.26 -5.49
N ILE B 126 -8.29 19.28 -4.79
CA ILE B 126 -9.10 20.48 -4.56
C ILE B 126 -9.27 21.26 -5.85
N GLY B 127 -8.27 21.25 -6.71
CA GLY B 127 -8.37 21.99 -7.97
C GLY B 127 -9.49 21.49 -8.85
N GLY B 128 -9.70 20.17 -8.90
CA GLY B 128 -10.79 19.63 -9.68
C GLY B 128 -12.15 20.02 -9.15
N LYS B 129 -12.28 20.08 -7.82
CA LYS B 129 -13.56 20.42 -7.21
C LYS B 129 -13.99 21.84 -7.56
N LEU B 130 -13.04 22.78 -7.56
CA LEU B 130 -13.38 24.17 -7.86
C LEU B 130 -13.95 24.31 -9.26
N PHE B 131 -13.34 23.64 -10.24
CA PHE B 131 -13.78 23.72 -11.63
C PHE B 131 -14.95 22.76 -11.85
N GLY B 132 -16.14 23.25 -11.52
CA GLY B 132 -17.35 22.46 -11.70
C GLY B 132 -18.37 22.65 -10.60
N LEU B 133 -17.95 23.20 -9.46
CA LEU B 133 -18.84 23.40 -8.33
C LEU B 133 -18.94 24.86 -7.90
N ILE B 134 -17.93 25.68 -8.19
CA ILE B 134 -17.95 27.09 -7.82
C ILE B 134 -17.95 27.94 -9.08
N LYS B 135 -17.01 27.65 -9.99
CA LYS B 135 -16.90 28.37 -11.25
C LYS B 135 -17.48 27.60 -12.42
N LEU B 136 -18.53 26.82 -12.20
CA LEU B 136 -19.14 26.04 -13.26
C LEU B 136 -19.93 26.95 -14.19
N PRO B 137 -19.69 26.93 -15.50
CA PRO B 137 -20.50 27.74 -16.41
C PRO B 137 -21.93 27.24 -16.46
N THR B 138 -22.84 28.16 -16.82
CA THR B 138 -24.26 27.82 -16.86
C THR B 138 -24.51 26.73 -17.90
N LEU B 139 -24.22 27.02 -19.16
CA LEU B 139 -24.50 26.04 -20.22
C LEU B 139 -23.44 24.96 -20.28
N PRO B 140 -22.17 25.27 -20.47
CA PRO B 140 -21.16 24.22 -20.62
C PRO B 140 -20.61 23.78 -19.27
N PRO B 141 -20.61 22.48 -18.99
CA PRO B 141 -19.98 21.96 -17.76
C PRO B 141 -18.45 21.95 -17.92
N LEU B 142 -17.78 22.72 -17.09
CA LEU B 142 -16.32 22.81 -17.18
C LEU B 142 -15.69 21.53 -16.66
N PRO B 143 -14.87 20.85 -17.46
CA PRO B 143 -14.28 19.58 -17.01
C PRO B 143 -13.29 19.79 -15.89
N PRO B 144 -13.20 18.83 -14.95
CA PRO B 144 -12.21 18.97 -13.87
C PRO B 144 -10.77 18.76 -14.33
N LEU B 145 -10.55 18.21 -15.53
CA LEU B 145 -9.19 17.98 -15.99
C LEU B 145 -8.41 19.28 -16.13
N LEU B 146 -9.12 20.38 -16.39
CA LEU B 146 -8.46 21.68 -16.48
C LEU B 146 -7.86 22.09 -15.14
N GLY B 147 -8.58 21.84 -14.05
CA GLY B 147 -8.08 22.22 -12.74
C GLY B 147 -6.85 21.43 -12.33
N MET B 148 -6.83 20.13 -12.62
CA MET B 148 -5.68 19.31 -12.24
C MET B 148 -4.42 19.77 -12.94
N LEU B 149 -4.50 20.08 -14.24
CA LEU B 149 -3.35 20.63 -14.94
C LEU B 149 -2.97 22.00 -14.40
N LEU B 150 -3.96 22.83 -14.11
CA LEU B 150 -3.69 24.16 -13.58
C LEU B 150 -3.02 24.09 -12.21
N ALA B 151 -3.50 23.19 -11.34
CA ALA B 151 -2.92 23.08 -10.01
C ALA B 151 -1.46 22.66 -10.07
N GLY B 152 -1.15 21.68 -10.92
CA GLY B 152 0.23 21.28 -11.09
C GLY B 152 1.08 22.37 -11.73
N PHE B 153 0.48 23.14 -12.64
CA PHE B 153 1.23 24.20 -13.32
C PHE B 153 1.67 25.27 -12.33
N LEU B 154 0.80 25.64 -11.39
CA LEU B 154 1.14 26.69 -10.44
C LEU B 154 2.29 26.27 -9.53
N ILE B 155 2.30 25.00 -9.11
CA ILE B 155 3.33 24.52 -8.20
C ILE B 155 4.71 24.61 -8.84
N ARG B 156 4.80 24.20 -10.11
CA ARG B 156 6.09 24.15 -10.78
C ARG B 156 6.62 25.53 -11.15
N ASN B 157 5.72 26.50 -11.36
CA ASN B 157 6.13 27.80 -11.90
C ASN B 157 6.30 28.88 -10.83
N VAL B 158 5.58 28.80 -9.72
CA VAL B 158 5.71 29.82 -8.67
C VAL B 158 7.05 29.66 -7.99
N PRO B 159 7.91 30.69 -7.99
CA PRO B 159 9.26 30.52 -7.41
C PRO B 159 9.25 30.18 -5.94
N VAL B 160 8.31 30.72 -5.16
CA VAL B 160 8.32 30.48 -3.72
C VAL B 160 7.69 29.15 -3.35
N ILE B 161 6.99 28.48 -4.27
CA ILE B 161 6.41 27.17 -4.00
C ILE B 161 7.00 26.16 -4.96
N SER B 162 8.24 26.39 -5.39
CA SER B 162 8.93 25.49 -6.30
C SER B 162 10.14 24.80 -5.68
N ASP B 163 10.62 25.25 -4.52
CA ASP B 163 11.80 24.69 -3.88
C ASP B 163 11.47 23.86 -2.64
N ASN B 164 10.45 24.25 -1.87
CA ASN B 164 10.09 23.47 -0.70
C ASN B 164 9.34 22.20 -1.09
N ILE B 165 8.78 22.14 -2.29
CA ILE B 165 8.09 20.95 -2.79
C ILE B 165 8.75 20.53 -4.09
N GLN B 166 9.33 19.34 -4.10
CA GLN B 166 10.03 18.82 -5.26
C GLN B 166 9.74 17.34 -5.41
N ILE B 167 9.75 16.87 -6.65
CA ILE B 167 9.47 15.46 -6.95
C ILE B 167 10.60 14.92 -7.83
N LYS B 168 11.15 13.78 -7.45
CA LYS B 168 12.22 13.18 -8.22
C LYS B 168 11.72 12.68 -9.57
N HIS B 169 12.56 12.82 -10.59
CA HIS B 169 12.16 12.38 -11.93
C HIS B 169 11.81 10.90 -11.92
N LYS B 170 12.58 10.06 -11.20
CA LYS B 170 12.35 8.59 -11.21
C LYS B 170 11.08 8.25 -10.47
N TRP B 171 10.64 9.08 -9.53
CA TRP B 171 9.34 8.89 -8.92
C TRP B 171 8.22 9.37 -9.84
N SER B 172 8.48 10.42 -10.62
CA SER B 172 7.49 10.91 -11.57
C SER B 172 7.22 9.89 -12.67
N SER B 173 8.29 9.31 -13.23
CA SER B 173 8.11 8.35 -14.31
C SER B 173 7.46 7.07 -13.83
N ALA B 174 7.84 6.59 -12.64
CA ALA B 174 7.26 5.35 -12.13
C ALA B 174 5.76 5.50 -11.88
N LEU B 175 5.36 6.62 -11.28
CA LEU B 175 3.96 6.87 -10.99
C LEU B 175 3.16 7.20 -12.25
N ARG B 176 3.80 7.77 -13.27
CA ARG B 176 3.15 8.10 -14.53
C ARG B 176 2.71 6.84 -15.28
N SER B 177 3.58 5.81 -15.31
CA SER B 177 3.28 4.61 -16.09
C SER B 177 2.27 3.71 -15.38
N ILE B 178 2.25 3.71 -14.05
CA ILE B 178 1.30 2.89 -13.31
C ILE B 178 -0.12 3.38 -13.57
N ALA B 179 -0.33 4.69 -13.58
CA ALA B 179 -1.66 5.23 -13.84
C ALA B 179 -2.10 4.91 -15.27
N LEU B 180 -1.15 4.82 -16.19
CA LEU B 180 -1.49 4.49 -17.58
C LEU B 180 -2.00 3.06 -17.70
N SER B 181 -1.42 2.13 -16.93
CA SER B 181 -1.84 0.74 -17.03
C SER B 181 -3.24 0.54 -16.45
N VAL B 182 -3.62 1.36 -15.48
CA VAL B 182 -4.93 1.21 -14.85
C VAL B 182 -6.03 1.53 -15.85
N ILE B 183 -5.85 2.59 -16.64
CA ILE B 183 -6.88 2.99 -17.59
C ILE B 183 -6.94 2.01 -18.76
N LEU B 184 -5.80 1.38 -19.09
CA LEU B 184 -5.79 0.44 -20.21
C LEU B 184 -6.54 -0.84 -19.87
N VAL B 185 -6.34 -1.37 -18.66
CA VAL B 185 -7.01 -2.61 -18.28
C VAL B 185 -8.50 -2.38 -18.14
N ARG B 186 -8.90 -1.21 -17.62
CA ARG B 186 -10.32 -0.93 -17.47
C ARG B 186 -11.01 -0.74 -18.82
N ALA B 187 -10.30 -0.16 -19.79
CA ALA B 187 -10.87 -0.03 -21.13
C ALA B 187 -11.07 -1.39 -21.78
N GLY B 188 -10.04 -2.24 -21.76
CA GLY B 188 -10.16 -3.55 -22.37
C GLY B 188 -11.12 -4.45 -21.63
N LEU B 189 -11.16 -4.34 -20.30
CA LEU B 189 -12.01 -5.23 -19.51
C LEU B 189 -13.49 -5.00 -19.81
N GLY B 190 -13.91 -3.75 -19.93
CA GLY B 190 -15.29 -3.43 -20.23
C GLY B 190 -15.66 -3.41 -21.69
N LEU B 191 -14.71 -3.69 -22.58
CA LEU B 191 -14.99 -3.68 -24.00
C LEU B 191 -15.87 -4.87 -24.39
N ASP B 192 -16.77 -4.66 -25.33
CA ASP B 192 -17.67 -5.69 -25.82
C ASP B 192 -17.08 -6.31 -27.08
N SER B 193 -16.89 -7.63 -27.05
CA SER B 193 -16.24 -8.32 -28.16
C SER B 193 -17.13 -8.44 -29.40
N ASN B 194 -18.44 -8.53 -29.21
CA ASN B 194 -19.33 -8.72 -30.34
C ASN B 194 -19.25 -7.56 -31.31
N ALA B 195 -19.23 -6.32 -30.77
CA ALA B 195 -19.12 -5.15 -31.62
C ALA B 195 -17.77 -5.10 -32.34
N LEU B 196 -16.70 -5.54 -31.67
CA LEU B 196 -15.37 -5.49 -32.28
C LEU B 196 -15.28 -6.39 -33.50
N LYS B 197 -16.06 -7.46 -33.55
CA LYS B 197 -16.01 -8.37 -34.69
C LYS B 197 -16.43 -7.71 -35.99
N LYS B 198 -17.47 -6.88 -35.97
CA LYS B 198 -17.99 -6.24 -37.17
C LYS B 198 -17.27 -4.96 -37.54
N LEU B 199 -16.35 -4.49 -36.69
CA LEU B 199 -15.64 -3.23 -36.93
C LEU B 199 -14.15 -3.49 -37.15
N LYS B 200 -13.83 -4.66 -37.70
CA LYS B 200 -12.42 -4.99 -37.93
C LYS B 200 -11.80 -4.04 -38.95
N GLY B 201 -12.52 -3.77 -40.05
CA GLY B 201 -12.00 -2.88 -41.07
C GLY B 201 -11.90 -1.44 -40.62
N VAL B 202 -12.86 -0.98 -39.81
CA VAL B 202 -12.87 0.43 -39.38
C VAL B 202 -11.71 0.71 -38.44
N CYS B 203 -11.37 -0.26 -37.58
CA CYS B 203 -10.35 -0.01 -36.56
C CYS B 203 -9.00 0.31 -37.19
N VAL B 204 -8.60 -0.45 -38.20
CA VAL B 204 -7.28 -0.23 -38.80
C VAL B 204 -7.25 1.10 -39.54
N ARG B 205 -8.36 1.46 -40.20
CA ARG B 205 -8.41 2.73 -40.91
C ARG B 205 -8.32 3.91 -39.94
N LEU B 206 -9.02 3.82 -38.81
CA LEU B 206 -9.01 4.90 -37.84
C LEU B 206 -7.65 5.03 -37.17
N SER B 207 -6.97 3.91 -36.94
CA SER B 207 -5.68 3.93 -36.24
C SER B 207 -4.53 4.31 -37.16
N LEU B 208 -4.74 4.33 -38.48
CA LEU B 208 -3.68 4.63 -39.43
C LEU B 208 -3.90 5.94 -40.16
N GLY B 209 -5.16 6.30 -40.45
CA GLY B 209 -5.45 7.44 -41.26
C GLY B 209 -5.02 8.76 -40.63
N PRO B 210 -5.69 9.16 -39.56
CA PRO B 210 -5.38 10.47 -38.97
C PRO B 210 -3.95 10.59 -38.48
N CYS B 211 -3.35 9.51 -37.99
CA CYS B 211 -2.00 9.59 -37.45
C CYS B 211 -0.97 9.86 -38.55
N LEU B 212 -1.07 9.13 -39.66
CA LEU B 212 -0.08 9.28 -40.73
C LEU B 212 -0.30 10.58 -41.49
N ILE B 213 -1.56 10.92 -41.77
CA ILE B 213 -1.84 12.10 -42.59
C ILE B 213 -1.40 13.37 -41.87
N GLU B 214 -1.67 13.45 -40.56
CA GLU B 214 -1.32 14.65 -39.82
C GLU B 214 0.19 14.86 -39.78
N ALA B 215 0.95 13.77 -39.66
CA ALA B 215 2.41 13.88 -39.61
C ALA B 215 2.96 14.49 -40.90
N CYS B 216 2.42 14.08 -42.04
CA CYS B 216 2.87 14.65 -43.31
C CYS B 216 2.51 16.13 -43.40
N THR B 217 1.29 16.49 -42.97
CA THR B 217 0.88 17.90 -43.02
C THR B 217 1.73 18.74 -42.08
N SER B 218 2.09 18.19 -40.90
CA SER B 218 2.89 18.94 -39.96
C SER B 218 4.26 19.29 -40.53
N ALA B 219 4.88 18.34 -41.24
CA ALA B 219 6.18 18.60 -41.84
C ALA B 219 6.09 19.68 -42.91
N VAL B 220 5.06 19.63 -43.76
CA VAL B 220 4.88 20.65 -44.77
C VAL B 220 4.60 22.01 -44.15
N LEU B 221 3.74 22.03 -43.13
CA LEU B 221 3.41 23.30 -42.47
C LEU B 221 4.62 23.90 -41.78
N ALA B 222 5.43 23.06 -41.13
CA ALA B 222 6.60 23.56 -40.41
C ALA B 222 7.62 24.18 -41.35
N TYR B 223 7.83 23.57 -42.53
CA TYR B 223 8.86 24.04 -43.43
C TYR B 223 8.58 25.46 -43.92
N PHE B 224 7.32 25.76 -44.22
CA PHE B 224 6.96 27.07 -44.75
C PHE B 224 6.84 28.14 -43.66
N LEU B 225 6.81 27.75 -42.39
CA LEU B 225 6.68 28.70 -41.29
C LEU B 225 7.81 28.59 -40.29
N MET B 226 8.76 27.68 -40.48
CA MET B 226 9.89 27.52 -39.58
C MET B 226 11.12 27.14 -40.37
N GLY B 227 12.28 27.30 -39.74
CA GLY B 227 13.54 26.94 -40.35
C GLY B 227 13.91 25.48 -40.24
N LEU B 228 13.03 24.66 -39.67
CA LEU B 228 13.32 23.23 -39.53
C LEU B 228 13.35 22.56 -40.89
N PRO B 229 14.38 21.76 -41.19
CA PRO B 229 14.42 21.04 -42.46
C PRO B 229 13.43 19.88 -42.50
N TRP B 230 13.47 19.08 -43.56
CA TRP B 230 12.56 17.95 -43.65
C TRP B 230 12.82 16.93 -42.55
N GLN B 231 14.08 16.78 -42.14
CA GLN B 231 14.38 15.81 -41.08
C GLN B 231 13.70 16.17 -39.78
N TRP B 232 13.71 17.45 -39.42
CA TRP B 232 13.05 17.86 -38.18
C TRP B 232 11.56 18.15 -38.39
N GLY B 233 11.13 18.34 -39.64
CA GLY B 233 9.71 18.54 -39.88
C GLY B 233 8.90 17.30 -39.61
N PHE B 234 9.41 16.13 -40.04
CA PHE B 234 8.70 14.88 -39.84
C PHE B 234 8.70 14.48 -38.37
N MET B 235 9.78 14.77 -37.65
CA MET B 235 9.87 14.38 -36.25
C MET B 235 8.77 15.07 -35.43
N LEU B 236 8.46 16.32 -35.77
CA LEU B 236 7.42 17.03 -35.04
C LEU B 236 6.05 16.41 -35.29
N GLY B 237 5.81 15.93 -36.51
CA GLY B 237 4.49 15.42 -36.85
C GLY B 237 4.10 14.21 -36.04
N PHE B 238 5.03 13.27 -35.85
CA PHE B 238 4.72 12.06 -35.10
C PHE B 238 4.43 12.38 -33.65
N VAL B 239 5.18 13.32 -33.07
CA VAL B 239 4.91 13.72 -31.69
C VAL B 239 3.52 14.34 -31.58
N LEU B 240 3.17 15.21 -32.52
CA LEU B 240 1.89 15.90 -32.47
C LEU B 240 0.70 14.97 -32.61
N GLY B 241 0.73 14.02 -33.54
CA GLY B 241 -0.45 13.23 -33.83
C GLY B 241 -0.52 11.91 -33.08
N ALA B 242 -1.19 11.91 -31.92
CA ALA B 242 -1.43 10.67 -31.17
C ALA B 242 -2.54 10.94 -30.17
N VAL B 243 -3.61 10.14 -30.25
CA VAL B 243 -4.75 10.28 -29.36
C VAL B 243 -4.40 9.62 -28.04
N SER B 244 -4.64 10.34 -26.94
CA SER B 244 -4.32 9.82 -25.61
C SER B 244 -5.52 9.08 -25.04
N PRO B 245 -5.39 7.81 -24.66
CA PRO B 245 -6.54 7.09 -24.09
C PRO B 245 -6.95 7.58 -22.72
N ALA B 246 -6.08 8.29 -22.00
CA ALA B 246 -6.40 8.72 -20.65
C ALA B 246 -7.53 9.75 -20.61
N VAL B 247 -7.80 10.42 -21.73
CA VAL B 247 -8.83 11.44 -21.77
C VAL B 247 -10.11 10.99 -22.48
N VAL B 248 -10.01 10.06 -23.43
CA VAL B 248 -11.18 9.62 -24.18
C VAL B 248 -11.84 8.44 -23.49
N VAL B 249 -11.02 7.52 -22.96
CA VAL B 249 -11.57 6.30 -22.36
C VAL B 249 -12.51 6.61 -21.21
N PRO B 250 -12.17 7.47 -20.25
CA PRO B 250 -13.13 7.80 -19.19
C PRO B 250 -14.43 8.39 -19.72
N SER B 251 -14.36 9.16 -20.81
CA SER B 251 -15.58 9.73 -21.39
C SER B 251 -16.43 8.66 -22.06
N MET B 252 -15.80 7.73 -22.78
CA MET B 252 -16.56 6.71 -23.49
C MET B 252 -17.29 5.79 -22.51
N LEU B 253 -16.63 5.40 -21.42
CA LEU B 253 -17.24 4.48 -20.48
C LEU B 253 -18.47 5.10 -19.82
N LEU B 254 -18.38 6.38 -19.45
CA LEU B 254 -19.53 7.06 -18.86
C LEU B 254 -20.69 7.14 -19.84
N LEU B 255 -20.39 7.42 -21.12
CA LEU B 255 -21.44 7.48 -22.12
C LEU B 255 -22.11 6.12 -22.30
N GLN B 256 -21.32 5.04 -22.32
CA GLN B 256 -21.89 3.71 -22.52
C GLN B 256 -22.75 3.29 -21.34
N GLU B 257 -22.33 3.65 -20.12
CA GLU B 257 -23.11 3.29 -18.94
C GLU B 257 -24.49 3.94 -18.97
N GLY B 258 -24.55 5.20 -19.40
CA GLY B 258 -25.84 5.86 -19.50
C GLY B 258 -26.73 5.24 -20.55
N GLY B 259 -26.17 4.92 -21.72
CA GLY B 259 -26.92 4.31 -22.79
C GLY B 259 -27.81 5.31 -23.52
N TYR B 260 -28.06 5.05 -24.81
CA TYR B 260 -28.91 5.94 -25.59
C TYR B 260 -29.85 5.17 -26.51
N GLY B 261 -29.98 3.85 -26.34
CA GLY B 261 -30.89 3.06 -27.12
C GLY B 261 -30.37 2.58 -28.46
N VAL B 262 -29.15 2.93 -28.83
CA VAL B 262 -28.58 2.48 -30.09
C VAL B 262 -27.31 1.69 -29.83
N GLU B 263 -26.30 2.34 -29.25
CA GLU B 263 -25.02 1.72 -28.93
C GLU B 263 -24.52 0.86 -30.09
N LYS B 264 -24.32 1.53 -31.23
CA LYS B 264 -23.89 0.83 -32.43
C LYS B 264 -22.50 0.20 -32.26
N GLY B 265 -21.70 0.71 -31.34
CA GLY B 265 -20.36 0.20 -31.13
C GLY B 265 -19.33 1.31 -31.19
N ILE B 266 -19.80 2.56 -31.25
CA ILE B 266 -18.88 3.69 -31.30
C ILE B 266 -18.00 3.76 -30.05
N PRO B 267 -18.53 3.63 -28.83
CA PRO B 267 -17.64 3.62 -27.66
C PRO B 267 -16.61 2.50 -27.71
N THR B 268 -17.01 1.32 -28.19
CA THR B 268 -16.06 0.21 -28.29
C THR B 268 -15.00 0.48 -29.34
N LEU B 269 -15.41 1.05 -30.48
CA LEU B 269 -14.45 1.34 -31.55
C LEU B 269 -13.43 2.37 -31.09
N LEU B 270 -13.88 3.40 -30.40
CA LEU B 270 -12.98 4.49 -30.01
C LEU B 270 -12.01 4.03 -28.93
N MET B 271 -12.48 3.20 -28.00
CA MET B 271 -11.62 2.72 -26.93
C MET B 271 -10.53 1.81 -27.48
N ALA B 272 -10.88 0.89 -28.39
CA ALA B 272 -9.92 -0.06 -28.91
C ALA B 272 -8.89 0.61 -29.82
N ALA B 273 -9.35 1.46 -30.75
CA ALA B 273 -8.46 2.04 -31.74
C ALA B 273 -7.40 2.93 -31.10
N GLY B 274 -7.80 3.74 -30.11
CA GLY B 274 -6.86 4.64 -29.48
C GLY B 274 -5.85 4.00 -28.56
N SER B 275 -6.07 2.74 -28.19
CA SER B 275 -5.18 2.09 -27.24
C SER B 275 -3.81 1.79 -27.86
N PHE B 276 -3.79 1.24 -29.07
CA PHE B 276 -2.56 0.78 -29.70
C PHE B 276 -2.04 1.74 -30.76
N ASP B 277 -2.47 3.00 -30.73
CA ASP B 277 -1.94 3.99 -31.65
C ASP B 277 -0.53 4.45 -31.30
N ASP B 278 -0.08 4.18 -30.07
CA ASP B 278 1.21 4.69 -29.61
C ASP B 278 2.39 4.08 -30.35
N ILE B 279 2.31 2.80 -30.69
CA ILE B 279 3.45 2.11 -31.30
C ILE B 279 3.78 2.72 -32.66
N LEU B 280 2.75 3.16 -33.40
CA LEU B 280 3.00 3.79 -34.69
C LEU B 280 3.76 5.10 -34.51
N ALA B 281 3.38 5.89 -33.51
CA ALA B 281 3.99 7.21 -33.34
C ALA B 281 5.44 7.10 -32.85
N ILE B 282 5.68 6.22 -31.89
CA ILE B 282 7.02 6.11 -31.31
C ILE B 282 8.01 5.56 -32.34
N THR B 283 7.56 4.65 -33.20
CA THR B 283 8.45 4.08 -34.20
C THR B 283 8.93 5.15 -35.18
N GLY B 284 8.03 6.01 -35.64
CA GLY B 284 8.43 7.07 -36.54
C GLY B 284 9.34 8.10 -35.89
N PHE B 285 9.04 8.45 -34.63
CA PHE B 285 9.87 9.44 -33.93
C PHE B 285 11.29 8.94 -33.75
N ASN B 286 11.45 7.68 -33.32
CA ASN B 286 12.79 7.15 -33.10
C ASN B 286 13.54 6.97 -34.42
N THR B 287 12.86 6.50 -35.46
CA THR B 287 13.52 6.34 -36.76
C THR B 287 13.95 7.68 -37.32
N CYS B 288 13.08 8.69 -37.22
CA CYS B 288 13.44 10.02 -37.71
C CYS B 288 14.54 10.64 -36.88
N LEU B 289 14.52 10.41 -35.56
CA LEU B 289 15.58 10.94 -34.70
C LEU B 289 16.92 10.31 -35.04
N GLY B 290 16.93 9.00 -35.31
CA GLY B 290 18.18 8.35 -35.67
C GLY B 290 18.75 8.85 -36.98
N MET B 291 17.88 9.12 -37.95
CA MET B 291 18.35 9.64 -39.23
C MET B 291 19.00 11.01 -39.07
N ALA B 292 18.42 11.87 -38.23
CA ALA B 292 18.97 13.19 -38.00
C ALA B 292 20.20 13.18 -37.11
N PHE B 293 20.52 12.05 -36.50
CA PHE B 293 21.70 11.94 -35.64
C PHE B 293 22.97 11.75 -36.47
N PHE B 300 16.73 -0.31 -40.58
CA PHE B 300 17.30 -0.13 -39.25
C PHE B 300 16.27 -0.44 -38.15
N ASN B 301 15.56 0.58 -37.69
CA ASN B 301 14.56 0.38 -36.64
C ASN B 301 13.16 0.14 -37.18
N VAL B 302 13.00 0.07 -38.50
CA VAL B 302 11.68 -0.17 -39.07
C VAL B 302 11.18 -1.55 -38.67
N LEU B 303 12.05 -2.56 -38.75
CA LEU B 303 11.68 -3.92 -38.34
C LEU B 303 11.39 -3.99 -36.85
N LYS B 304 12.11 -3.18 -36.05
CA LYS B 304 11.92 -3.20 -34.61
C LYS B 304 10.50 -2.80 -34.21
N GLY B 305 9.91 -1.84 -34.91
CA GLY B 305 8.55 -1.47 -34.59
C GLY B 305 7.58 -2.61 -34.82
N VAL B 306 7.82 -3.40 -35.85
CA VAL B 306 6.97 -4.56 -36.13
C VAL B 306 7.10 -5.62 -35.05
N LEU B 307 8.32 -5.80 -34.51
CA LEU B 307 8.52 -6.80 -33.47
C LEU B 307 7.72 -6.49 -32.21
N GLU B 308 7.63 -5.20 -31.85
CA GLU B 308 6.88 -4.83 -30.66
C GLU B 308 5.42 -5.25 -30.76
N VAL B 309 4.88 -5.25 -31.99
CA VAL B 309 3.51 -5.71 -32.17
C VAL B 309 3.40 -7.21 -31.96
N ILE B 310 4.36 -7.98 -32.49
CA ILE B 310 4.28 -9.43 -32.40
C ILE B 310 4.45 -9.89 -30.95
N ILE B 311 5.41 -9.29 -30.23
CA ILE B 311 5.67 -9.71 -28.86
C ILE B 311 4.47 -9.41 -27.97
N GLY B 312 3.88 -8.22 -28.13
CA GLY B 312 2.75 -7.86 -27.30
C GLY B 312 1.54 -8.76 -27.53
N VAL B 313 1.34 -9.19 -28.78
CA VAL B 313 0.23 -10.09 -29.09
C VAL B 313 0.47 -11.47 -28.51
N VAL B 314 1.69 -11.99 -28.67
CA VAL B 314 1.97 -13.35 -28.20
C VAL B 314 1.97 -13.40 -26.67
N THR B 315 2.65 -12.45 -26.04
CA THR B 315 2.68 -12.42 -24.57
C THR B 315 1.30 -12.19 -23.99
N GLY B 316 0.52 -11.28 -24.59
CA GLY B 316 -0.82 -11.02 -24.10
C GLY B 316 -1.75 -12.21 -24.28
N LEU B 317 -1.57 -12.94 -25.38
CA LEU B 317 -2.47 -14.06 -25.67
C LEU B 317 -2.19 -15.25 -24.75
N VAL B 318 -0.91 -15.62 -24.62
CA VAL B 318 -0.57 -16.78 -23.81
C VAL B 318 -0.92 -16.53 -22.35
N LEU B 319 -0.57 -15.36 -21.83
CA LEU B 319 -0.88 -15.01 -20.44
C LEU B 319 -2.36 -14.77 -20.20
N GLY B 320 -3.14 -14.46 -21.24
CA GLY B 320 -4.56 -14.23 -21.06
C GLY B 320 -5.37 -15.48 -20.80
N PHE B 321 -4.85 -16.62 -21.25
CA PHE B 321 -5.55 -17.89 -21.06
C PHE B 321 -5.29 -18.53 -19.71
N PHE B 322 -4.33 -18.03 -18.93
CA PHE B 322 -4.03 -18.56 -17.61
C PHE B 322 -4.72 -17.75 -16.53
N ILE B 323 -5.61 -16.84 -16.92
CA ILE B 323 -6.40 -16.07 -15.97
C ILE B 323 -7.86 -16.49 -15.91
N GLN B 324 -8.42 -17.01 -17.00
CA GLN B 324 -9.80 -17.48 -17.01
C GLN B 324 -9.93 -18.95 -16.63
N TYR B 325 -8.83 -19.66 -16.46
CA TYR B 325 -8.85 -21.09 -16.18
C TYR B 325 -8.31 -21.43 -14.79
N PHE B 326 -7.08 -21.02 -14.47
CA PHE B 326 -6.51 -21.40 -13.17
C PHE B 326 -7.30 -20.80 -12.02
N PRO B 327 -7.62 -19.51 -12.01
CA PRO B 327 -8.50 -19.01 -10.95
C PRO B 327 -9.93 -19.47 -11.16
N SER B 328 -10.49 -20.20 -10.20
CA SER B 328 -11.83 -20.74 -10.31
C SER B 328 -12.68 -20.30 -9.12
N SER B 329 -13.97 -20.62 -9.18
CA SER B 329 -14.89 -20.24 -8.11
C SER B 329 -14.65 -21.03 -6.83
N ASP B 330 -13.83 -22.07 -6.87
CA ASP B 330 -13.60 -22.87 -5.67
C ASP B 330 -12.96 -22.05 -4.56
N GLN B 331 -11.97 -21.22 -4.92
CA GLN B 331 -11.28 -20.44 -3.89
C GLN B 331 -12.19 -19.34 -3.37
N ASP B 332 -11.86 -18.87 -2.16
CA ASP B 332 -12.59 -17.77 -1.53
C ASP B 332 -11.86 -16.45 -1.81
N ASN B 333 -12.58 -15.35 -1.59
CA ASN B 333 -12.07 -14.00 -1.85
C ASN B 333 -11.61 -13.89 -3.31
N LEU B 334 -12.39 -14.49 -4.19
CA LEU B 334 -12.04 -14.51 -5.62
C LEU B 334 -12.11 -13.11 -6.23
N VAL B 335 -12.89 -12.21 -5.62
CA VAL B 335 -12.99 -10.85 -6.15
C VAL B 335 -11.64 -10.13 -6.05
N TRP B 336 -10.95 -10.29 -4.91
CA TRP B 336 -9.65 -9.64 -4.73
C TRP B 336 -8.52 -10.44 -5.36
N LYS B 337 -8.79 -11.65 -5.86
CA LYS B 337 -7.76 -12.45 -6.52
C LYS B 337 -7.72 -12.19 -8.02
N ARG B 338 -8.89 -12.02 -8.65
CA ARG B 338 -8.91 -11.72 -10.08
C ARG B 338 -8.60 -10.26 -10.35
N ALA B 339 -8.59 -9.43 -9.32
CA ALA B 339 -8.26 -8.02 -9.51
C ALA B 339 -6.76 -7.77 -9.36
N PHE B 340 -6.12 -8.46 -8.41
CA PHE B 340 -4.67 -8.33 -8.27
C PHE B 340 -3.94 -9.00 -9.42
N LEU B 341 -4.54 -10.02 -10.03
CA LEU B 341 -3.88 -10.73 -11.11
C LEU B 341 -3.79 -9.89 -12.37
N VAL B 342 -4.89 -9.25 -12.76
CA VAL B 342 -4.90 -8.46 -14.00
C VAL B 342 -4.05 -7.21 -13.84
N LEU B 343 -4.15 -6.54 -12.69
CA LEU B 343 -3.39 -5.32 -12.48
C LEU B 343 -1.90 -5.62 -12.27
N GLY B 344 -1.59 -6.72 -11.59
CA GLY B 344 -0.20 -7.07 -11.37
C GLY B 344 0.53 -7.45 -12.64
N LEU B 345 -0.13 -8.18 -13.53
CA LEU B 345 0.49 -8.54 -14.80
C LEU B 345 0.62 -7.35 -15.73
N SER B 346 -0.34 -6.43 -15.68
CA SER B 346 -0.26 -5.23 -16.51
C SER B 346 0.95 -4.37 -16.12
N VAL B 347 1.18 -4.20 -14.83
CA VAL B 347 2.33 -3.43 -14.37
C VAL B 347 3.63 -4.13 -14.74
N LEU B 348 3.66 -5.46 -14.65
CA LEU B 348 4.85 -6.21 -15.02
C LEU B 348 5.16 -6.05 -16.51
N ALA B 349 4.13 -6.08 -17.35
CA ALA B 349 4.35 -6.01 -18.79
C ALA B 349 4.88 -4.64 -19.21
N VAL B 350 4.36 -3.58 -18.58
CA VAL B 350 4.76 -2.22 -18.98
C VAL B 350 6.21 -1.95 -18.60
N PHE B 351 6.58 -2.29 -17.36
CA PHE B 351 7.92 -1.95 -16.88
C PHE B 351 8.97 -2.91 -17.42
N SER B 352 8.59 -4.17 -17.63
CA SER B 352 9.58 -5.16 -18.09
C SER B 352 9.96 -4.91 -19.54
N SER B 353 8.99 -4.51 -20.37
CA SER B 353 9.29 -4.26 -21.78
C SER B 353 10.25 -3.10 -21.94
N THR B 354 10.05 -2.02 -21.18
CA THR B 354 10.93 -0.86 -21.28
C THR B 354 12.35 -1.20 -20.85
N TYR B 355 12.49 -2.02 -19.80
CA TYR B 355 13.81 -2.37 -19.32
C TYR B 355 14.60 -3.16 -20.36
N PHE B 356 13.94 -4.10 -21.05
CA PHE B 356 14.63 -4.92 -22.04
C PHE B 356 15.15 -4.08 -23.19
N GLY B 357 14.35 -3.14 -23.68
CA GLY B 357 14.81 -2.27 -24.74
C GLY B 357 13.86 -2.11 -25.92
N PHE B 358 12.63 -2.62 -25.79
CA PHE B 358 11.60 -2.48 -26.81
C PHE B 358 10.32 -1.97 -26.16
N PRO B 359 10.29 -0.70 -25.77
CA PRO B 359 9.08 -0.16 -25.15
C PRO B 359 7.91 -0.10 -26.12
N GLY B 360 6.70 -0.19 -25.56
CA GLY B 360 5.48 -0.19 -26.31
C GLY B 360 4.84 -1.55 -26.45
N SER B 361 5.57 -2.63 -26.16
CA SER B 361 4.97 -3.96 -26.18
C SER B 361 3.92 -4.10 -25.10
N GLY B 362 4.18 -3.54 -23.91
CA GLY B 362 3.21 -3.63 -22.83
C GLY B 362 2.03 -2.71 -23.02
N GLY B 363 2.10 -1.79 -23.97
CA GLY B 363 0.97 -0.90 -24.22
C GLY B 363 -0.25 -1.66 -24.71
N LEU B 364 -0.05 -2.62 -25.61
CA LEU B 364 -1.15 -3.44 -26.11
C LEU B 364 -1.22 -4.81 -25.45
N CYS B 365 -0.15 -5.23 -24.76
CA CYS B 365 -0.17 -6.51 -24.07
C CYS B 365 -1.24 -6.52 -22.97
N THR B 366 -1.32 -5.44 -22.20
CA THR B 366 -2.33 -5.36 -21.14
C THR B 366 -3.73 -5.19 -21.74
N LEU B 367 -3.81 -4.73 -22.98
CA LEU B 367 -5.11 -4.63 -23.63
C LEU B 367 -5.65 -6.00 -24.02
N VAL B 368 -4.79 -6.84 -24.60
CA VAL B 368 -5.22 -8.18 -25.00
C VAL B 368 -5.46 -9.06 -23.78
N THR B 369 -4.60 -8.93 -22.75
CA THR B 369 -4.74 -9.77 -21.57
C THR B 369 -6.10 -9.55 -20.90
N ALA B 370 -6.43 -8.28 -20.62
CA ALA B 370 -7.70 -7.99 -19.98
C ALA B 370 -8.87 -8.33 -20.90
N PHE B 371 -8.71 -8.07 -22.20
CA PHE B 371 -9.77 -8.38 -23.15
C PHE B 371 -10.04 -9.88 -23.21
N LEU B 372 -9.00 -10.70 -23.23
CA LEU B 372 -9.22 -12.15 -23.29
C LEU B 372 -9.81 -12.66 -21.99
N ALA B 373 -9.29 -12.21 -20.85
CA ALA B 373 -9.85 -12.63 -19.57
C ALA B 373 -11.24 -12.06 -19.39
N GLY B 374 -11.52 -10.94 -20.05
CA GLY B 374 -12.84 -10.32 -19.95
C GLY B 374 -13.94 -11.19 -20.51
N ARG B 375 -13.65 -11.91 -21.60
CA ARG B 375 -14.66 -12.81 -22.16
C ARG B 375 -14.79 -14.09 -21.34
N GLY B 376 -13.77 -14.42 -20.54
CA GLY B 376 -13.86 -15.66 -19.77
C GLY B 376 -14.87 -15.54 -18.65
N TRP B 377 -15.01 -14.35 -18.09
CA TRP B 377 -15.96 -14.09 -17.01
C TRP B 377 -17.25 -13.56 -17.61
N ALA B 378 -18.39 -14.07 -17.18
CA ALA B 378 -19.67 -13.56 -17.64
C ALA B 378 -20.65 -13.34 -16.49
N SER B 379 -20.17 -13.49 -15.26
CA SER B 379 -21.03 -13.36 -14.08
C SER B 379 -20.41 -12.45 -13.03
N THR B 380 -19.09 -12.41 -12.96
CA THR B 380 -18.42 -11.62 -11.92
C THR B 380 -17.62 -10.46 -12.48
N LYS B 381 -17.75 -10.11 -13.75
CA LYS B 381 -17.03 -8.95 -14.28
C LYS B 381 -17.62 -7.66 -13.72
N THR B 382 -18.86 -7.71 -13.26
CA THR B 382 -19.59 -6.56 -12.73
C THR B 382 -18.95 -5.99 -11.46
N ASP B 383 -18.51 -6.85 -10.54
CA ASP B 383 -17.90 -6.42 -9.29
C ASP B 383 -16.40 -6.14 -9.43
N VAL B 384 -15.75 -6.72 -10.45
CA VAL B 384 -14.34 -6.42 -10.67
C VAL B 384 -14.12 -4.98 -11.11
N GLU B 385 -14.95 -4.45 -12.02
CA GLU B 385 -14.75 -3.07 -12.48
C GLU B 385 -14.96 -2.07 -11.35
N LYS B 386 -15.86 -2.38 -10.40
CA LYS B 386 -16.08 -1.45 -9.30
C LYS B 386 -14.82 -1.28 -8.46
N VAL B 387 -14.06 -2.36 -8.27
CA VAL B 387 -12.80 -2.26 -7.55
C VAL B 387 -11.81 -1.41 -8.34
N ILE B 388 -11.75 -1.62 -9.66
CA ILE B 388 -10.85 -0.85 -10.50
C ILE B 388 -11.25 0.62 -10.55
N ALA B 389 -12.56 0.89 -10.51
CA ALA B 389 -13.04 2.27 -10.61
C ALA B 389 -12.51 3.11 -9.46
N VAL B 390 -12.50 2.57 -8.25
CA VAL B 390 -11.97 3.33 -7.12
C VAL B 390 -10.49 3.59 -7.29
N ALA B 391 -9.76 2.63 -7.86
CA ALA B 391 -8.33 2.83 -8.09
C ALA B 391 -8.07 3.94 -9.10
N TRP B 392 -8.89 4.02 -10.15
CA TRP B 392 -8.70 5.06 -11.15
C TRP B 392 -8.94 6.45 -10.57
N ASP B 393 -9.90 6.58 -9.66
CA ASP B 393 -10.16 7.88 -9.05
C ASP B 393 -8.97 8.36 -8.21
N ILE B 394 -8.20 7.44 -7.65
CA ILE B 394 -7.02 7.82 -6.88
C ILE B 394 -5.94 8.35 -7.82
N PHE B 395 -5.70 7.66 -8.94
CA PHE B 395 -4.66 8.05 -9.88
C PHE B 395 -5.10 9.14 -10.85
N GLN B 396 -6.39 9.49 -10.89
CA GLN B 396 -6.83 10.53 -11.80
C GLN B 396 -6.21 11.88 -11.48
N PRO B 397 -6.25 12.37 -10.23
CA PRO B 397 -5.57 13.64 -9.93
C PRO B 397 -4.06 13.53 -9.92
N LEU B 398 -3.53 12.35 -9.59
CA LEU B 398 -2.09 12.18 -9.49
C LEU B 398 -1.44 12.14 -10.87
N LEU B 399 -2.11 11.52 -11.84
CA LEU B 399 -1.55 11.42 -13.19
C LEU B 399 -1.44 12.78 -13.86
N PHE B 400 -2.53 13.55 -13.84
CA PHE B 400 -2.54 14.85 -14.51
C PHE B 400 -1.79 15.91 -13.73
N GLY B 401 -1.59 15.73 -12.43
CA GLY B 401 -0.76 16.64 -11.67
C GLY B 401 0.70 16.55 -12.11
N LEU B 402 1.15 15.34 -12.43
CA LEU B 402 2.52 15.16 -12.89
C LEU B 402 2.67 15.60 -14.35
N ILE B 403 1.63 15.45 -15.16
CA ILE B 403 1.72 15.82 -16.57
C ILE B 403 1.98 17.31 -16.71
N GLY B 404 1.25 18.12 -15.95
CA GLY B 404 1.40 19.57 -16.01
C GLY B 404 2.37 20.10 -14.98
N ALA B 405 3.42 19.34 -14.68
CA ALA B 405 4.41 19.73 -13.70
C ALA B 405 5.79 19.96 -14.27
N GLU B 406 5.94 19.95 -15.61
CA GLU B 406 7.21 20.21 -16.25
C GLU B 406 7.08 21.25 -17.37
N VAL B 407 6.20 22.23 -17.18
CA VAL B 407 6.01 23.31 -18.15
C VAL B 407 6.67 24.61 -17.68
N LEU B 408 7.61 24.53 -16.73
CA LEU B 408 8.26 25.73 -16.22
C LEU B 408 9.18 26.36 -17.26
N ILE B 409 9.72 25.55 -18.17
CA ILE B 409 10.69 26.09 -19.14
C ILE B 409 10.02 27.15 -20.00
N THR B 410 8.81 26.85 -20.48
CA THR B 410 8.05 27.78 -21.34
C THR B 410 6.92 28.45 -20.57
N ALA B 411 7.15 28.77 -19.29
CA ALA B 411 6.10 29.41 -18.50
C ALA B 411 5.72 30.75 -19.08
N LEU B 412 6.71 31.60 -19.36
CA LEU B 412 6.47 32.90 -19.98
C LEU B 412 7.67 33.20 -20.88
N ARG B 413 7.56 32.81 -22.14
CA ARG B 413 8.60 33.06 -23.15
C ARG B 413 7.94 33.60 -24.41
N PRO B 414 7.48 34.86 -24.38
CA PRO B 414 6.89 35.45 -25.59
C PRO B 414 7.94 35.77 -26.64
N GLU B 415 8.02 34.94 -27.68
CA GLU B 415 8.97 35.11 -28.77
C GLU B 415 8.28 34.89 -30.10
N THR B 416 7.11 35.51 -30.27
CA THR B 416 6.30 35.33 -31.47
C THR B 416 5.94 33.85 -31.67
N ILE B 417 5.19 33.32 -30.71
CA ILE B 417 4.78 31.92 -30.72
C ILE B 417 3.52 31.77 -31.57
N GLY B 418 3.14 32.84 -32.27
CA GLY B 418 2.00 32.76 -33.15
C GLY B 418 2.20 31.73 -34.26
N LEU B 419 3.42 31.62 -34.77
CA LEU B 419 3.72 30.58 -35.76
C LEU B 419 3.55 29.20 -35.14
N CYS B 420 3.97 29.03 -33.89
CA CYS B 420 3.78 27.76 -33.21
C CYS B 420 2.30 27.43 -33.05
N VAL B 421 1.50 28.42 -32.69
CA VAL B 421 0.05 28.22 -32.61
C VAL B 421 -0.53 27.97 -34.00
N ALA B 422 0.00 28.67 -35.02
CA ALA B 422 -0.51 28.49 -36.37
C ALA B 422 -0.26 27.06 -36.86
N THR B 423 0.91 26.51 -36.59
CA THR B 423 1.17 25.12 -36.98
C THR B 423 0.25 24.17 -36.25
N LEU B 424 0.02 24.40 -34.96
CA LEU B 424 -0.90 23.54 -34.20
C LEU B 424 -2.32 23.68 -34.71
N GLY B 425 -2.76 24.90 -35.01
CA GLY B 425 -4.14 25.10 -35.43
C GLY B 425 -4.44 24.43 -36.76
N ILE B 426 -3.54 24.57 -37.74
CA ILE B 426 -3.77 23.97 -39.04
C ILE B 426 -3.75 22.45 -38.93
N ALA B 427 -2.78 21.90 -38.19
CA ALA B 427 -2.68 20.45 -38.06
C ALA B 427 -3.92 19.86 -37.40
N VAL B 428 -4.44 20.51 -36.36
CA VAL B 428 -5.67 20.05 -35.73
C VAL B 428 -6.83 20.12 -36.71
N LEU B 429 -6.92 21.23 -37.46
CA LEU B 429 -8.01 21.38 -38.41
C LEU B 429 -7.95 20.31 -39.50
N ILE B 430 -6.76 20.01 -40.00
CA ILE B 430 -6.61 18.97 -41.01
C ILE B 430 -6.97 17.60 -40.43
N ARG B 431 -6.59 17.37 -39.17
CA ARG B 431 -6.89 16.09 -38.53
C ARG B 431 -8.40 15.86 -38.45
N ILE B 432 -9.16 16.92 -38.20
CA ILE B 432 -10.61 16.79 -38.10
C ILE B 432 -11.19 16.32 -39.43
N LEU B 433 -10.72 16.93 -40.53
CA LEU B 433 -11.28 16.60 -41.84
C LEU B 433 -10.99 15.16 -42.23
N VAL B 434 -9.75 14.71 -42.03
CA VAL B 434 -9.39 13.35 -42.44
C VAL B 434 -10.12 12.32 -41.60
N THR B 435 -10.36 12.63 -40.32
CA THR B 435 -11.10 11.69 -39.47
C THR B 435 -12.52 11.49 -39.98
N TYR B 436 -13.16 12.56 -40.44
CA TYR B 436 -14.49 12.42 -41.04
C TYR B 436 -14.44 11.58 -42.30
N LEU B 437 -13.40 11.76 -43.12
CA LEU B 437 -13.31 11.04 -44.38
C LEU B 437 -13.10 9.55 -44.15
N MET B 438 -12.30 9.18 -43.15
CA MET B 438 -11.94 7.78 -42.96
C MET B 438 -13.11 6.94 -42.48
N VAL B 439 -14.23 7.55 -42.10
CA VAL B 439 -15.37 6.82 -41.58
C VAL B 439 -16.57 6.99 -42.50
N CYS B 440 -16.30 7.19 -43.79
CA CYS B 440 -17.36 7.40 -44.78
C CYS B 440 -17.71 6.13 -45.55
N PHE B 441 -17.35 4.96 -45.03
CA PHE B 441 -17.57 3.72 -45.76
C PHE B 441 -19.03 3.25 -45.63
N ALA B 442 -19.45 2.92 -44.42
CA ALA B 442 -20.81 2.43 -44.20
C ALA B 442 -21.15 2.57 -42.72
N GLY B 443 -22.45 2.47 -42.44
CA GLY B 443 -22.95 2.50 -41.08
C GLY B 443 -23.10 3.91 -40.53
N PHE B 444 -21.99 4.60 -40.36
CA PHE B 444 -22.01 5.97 -39.82
C PHE B 444 -22.59 6.91 -40.86
N ASN B 445 -23.84 7.33 -40.68
CA ASN B 445 -24.52 8.10 -41.71
C ASN B 445 -24.17 9.58 -41.64
N ILE B 446 -24.59 10.25 -40.55
CA ILE B 446 -24.33 11.68 -40.40
C ILE B 446 -23.73 11.98 -39.05
N LYS B 447 -24.44 11.63 -37.97
CA LYS B 447 -24.02 12.05 -36.64
C LYS B 447 -22.85 11.22 -36.13
N GLU B 448 -22.74 9.96 -36.55
CA GLU B 448 -21.63 9.15 -36.08
C GLU B 448 -20.30 9.73 -36.54
N LYS B 449 -20.25 10.24 -37.77
CA LYS B 449 -19.01 10.83 -38.28
C LYS B 449 -18.66 12.10 -37.53
N ILE B 450 -19.68 12.90 -37.19
CA ILE B 450 -19.44 14.15 -36.49
C ILE B 450 -18.92 13.89 -35.07
N PHE B 451 -19.54 12.93 -34.38
CA PHE B 451 -19.11 12.62 -33.02
C PHE B 451 -17.71 12.04 -33.00
N ILE B 452 -17.41 11.17 -33.97
CA ILE B 452 -16.08 10.56 -34.03
C ILE B 452 -15.03 11.61 -34.36
N SER B 453 -15.36 12.57 -35.23
CA SER B 453 -14.39 13.58 -35.63
C SER B 453 -13.95 14.42 -34.45
N PHE B 454 -14.89 14.81 -33.58
CA PHE B 454 -14.58 15.67 -32.45
C PHE B 454 -14.09 14.89 -31.23
N ALA B 455 -14.13 13.57 -31.26
CA ALA B 455 -13.70 12.74 -30.14
C ALA B 455 -12.25 12.28 -30.29
N TRP B 456 -11.56 12.70 -31.34
CA TRP B 456 -10.19 12.29 -31.62
C TRP B 456 -9.18 13.38 -31.29
N LEU B 457 -9.61 14.43 -30.59
CA LEU B 457 -8.83 15.62 -30.28
C LEU B 457 -7.86 15.43 -29.10
N PRO B 458 -8.28 14.86 -27.98
CA PRO B 458 -7.47 14.93 -26.77
C PRO B 458 -6.08 14.36 -26.96
N LYS B 459 -5.08 15.04 -26.38
CA LYS B 459 -3.68 14.63 -26.48
C LYS B 459 -3.00 14.93 -25.14
N ALA B 460 -2.95 13.94 -24.27
CA ALA B 460 -2.44 14.24 -22.93
C ALA B 460 -1.17 13.46 -22.56
N THR B 461 -1.19 12.14 -22.67
CA THR B 461 -0.13 11.34 -22.07
C THR B 461 1.11 11.21 -22.96
N VAL B 462 0.94 10.70 -24.17
CA VAL B 462 2.09 10.42 -25.03
C VAL B 462 2.86 11.68 -25.37
N GLN B 463 2.19 12.83 -25.40
CA GLN B 463 2.87 14.08 -25.74
C GLN B 463 3.96 14.41 -24.73
N ALA B 464 3.65 14.25 -23.44
CA ALA B 464 4.64 14.57 -22.41
C ALA B 464 5.71 13.49 -22.27
N ALA B 465 5.45 12.26 -22.72
CA ALA B 465 6.43 11.20 -22.57
C ALA B 465 7.67 11.46 -23.42
N ILE B 466 7.50 11.90 -24.66
CA ILE B 466 8.61 12.11 -25.57
C ILE B 466 8.68 13.56 -26.00
N GLY B 467 8.09 14.46 -25.21
CA GLY B 467 8.09 15.86 -25.59
C GLY B 467 9.48 16.47 -25.58
N SER B 468 10.27 16.17 -24.55
CA SER B 468 11.60 16.75 -24.39
C SER B 468 12.72 15.75 -24.62
N VAL B 469 12.41 14.59 -25.20
CA VAL B 469 13.44 13.60 -25.46
C VAL B 469 14.44 14.13 -26.48
N ALA B 470 13.95 14.75 -27.56
CA ALA B 470 14.85 15.22 -28.60
C ALA B 470 15.71 16.38 -28.11
N LEU B 471 15.16 17.25 -27.26
CA LEU B 471 15.94 18.40 -26.82
C LEU B 471 17.12 17.98 -25.96
N ASP B 472 16.92 16.97 -25.10
CA ASP B 472 18.00 16.53 -24.24
C ASP B 472 19.15 15.95 -25.05
N THR B 473 18.84 15.21 -26.12
CA THR B 473 19.91 14.68 -26.97
C THR B 473 20.68 15.80 -27.64
N ALA B 474 20.00 16.86 -28.07
CA ALA B 474 20.71 17.96 -28.71
C ALA B 474 21.64 18.64 -27.72
N ARG B 475 21.19 18.82 -26.48
CA ARG B 475 22.03 19.43 -25.45
C ARG B 475 23.20 18.52 -25.14
N SER B 476 22.95 17.21 -25.04
CA SER B 476 23.96 16.25 -24.65
C SER B 476 25.08 16.15 -25.66
N HIS B 477 24.77 15.95 -26.94
CA HIS B 477 25.78 15.70 -27.96
C HIS B 477 26.82 16.81 -28.05
N GLY B 478 26.55 17.97 -27.44
CA GLY B 478 27.48 19.08 -27.44
C GLY B 478 27.25 20.15 -28.47
N GLU B 479 26.20 20.05 -29.29
CA GLU B 479 25.99 21.06 -30.32
C GLU B 479 25.01 22.13 -29.81
N LYS B 480 24.65 23.05 -30.71
CA LYS B 480 23.80 24.19 -30.35
C LYS B 480 22.72 24.48 -31.37
N GLN B 481 23.00 24.32 -32.67
CA GLN B 481 22.03 24.63 -33.71
C GLN B 481 20.78 23.76 -33.57
N LEU B 482 20.99 22.47 -33.31
CA LEU B 482 19.92 21.50 -33.07
C LEU B 482 19.15 21.76 -31.79
N GLU B 483 19.80 22.32 -30.75
CA GLU B 483 19.08 22.61 -29.53
C GLU B 483 17.99 23.66 -29.77
N GLY B 484 18.27 24.66 -30.61
CA GLY B 484 17.24 25.64 -30.91
C GLY B 484 16.04 25.02 -31.59
N TYR B 485 16.29 24.09 -32.52
CA TYR B 485 15.19 23.37 -33.17
C TYR B 485 14.41 22.54 -32.15
N GLY B 486 15.12 21.89 -31.23
CA GLY B 486 14.46 21.12 -30.19
C GLY B 486 13.61 21.98 -29.27
N MET B 487 14.07 23.19 -28.96
CA MET B 487 13.28 24.08 -28.12
C MET B 487 11.97 24.45 -28.80
N ASP B 488 11.99 24.61 -30.12
CA ASP B 488 10.76 24.91 -30.84
C ASP B 488 9.79 23.74 -30.72
N VAL B 489 10.29 22.50 -30.76
CA VAL B 489 9.44 21.33 -30.62
C VAL B 489 8.79 21.30 -29.24
N LEU B 490 9.52 21.73 -28.21
CA LEU B 490 8.96 21.76 -26.87
C LEU B 490 7.78 22.72 -26.79
N THR B 491 7.89 23.88 -27.44
CA THR B 491 6.82 24.87 -27.36
C THR B 491 5.52 24.33 -27.92
N VAL B 492 5.60 23.63 -29.06
CA VAL B 492 4.39 23.09 -29.68
C VAL B 492 3.92 21.84 -28.95
N ALA B 493 4.87 21.12 -28.32
CA ALA B 493 4.50 19.89 -27.61
C ALA B 493 3.67 20.20 -26.38
N PHE B 494 4.11 21.16 -25.56
CA PHE B 494 3.38 21.52 -24.36
C PHE B 494 2.10 22.27 -24.69
N LEU B 495 2.07 22.97 -25.82
CA LEU B 495 0.90 23.74 -26.19
C LEU B 495 -0.31 22.85 -26.48
N SER B 496 -0.06 21.66 -27.03
CA SER B 496 -1.17 20.76 -27.37
C SER B 496 -1.92 20.30 -26.13
N ILE B 497 -1.19 19.94 -25.06
CA ILE B 497 -1.86 19.47 -23.85
C ILE B 497 -2.65 20.59 -23.20
N ILE B 498 -2.10 21.81 -23.19
CA ILE B 498 -2.79 22.93 -22.57
C ILE B 498 -4.06 23.28 -23.35
N ILE B 499 -4.01 23.17 -24.68
CA ILE B 499 -5.10 23.66 -25.52
C ILE B 499 -6.08 22.54 -25.83
N THR B 500 -5.60 21.49 -26.51
CA THR B 500 -6.50 20.50 -27.10
C THR B 500 -7.04 19.50 -26.09
N ALA B 501 -6.41 19.39 -24.92
CA ALA B 501 -6.86 18.41 -23.94
C ALA B 501 -8.14 18.85 -23.23
N PRO B 502 -8.15 20.02 -22.59
CA PRO B 502 -9.39 20.45 -21.92
C PRO B 502 -10.55 20.69 -22.85
N VAL B 503 -10.28 21.18 -24.07
CA VAL B 503 -11.35 21.40 -25.04
C VAL B 503 -11.95 20.06 -25.50
N GLY B 504 -11.08 19.08 -25.76
CA GLY B 504 -11.57 17.80 -26.21
C GLY B 504 -12.44 17.09 -25.18
N SER B 505 -12.05 17.15 -23.91
CA SER B 505 -12.85 16.55 -22.85
C SER B 505 -14.18 17.29 -22.69
N LEU B 506 -14.15 18.63 -22.78
CA LEU B 506 -15.38 19.40 -22.68
C LEU B 506 -16.32 19.11 -23.83
N LEU B 507 -15.78 19.02 -25.06
CA LEU B 507 -16.63 18.83 -26.23
C LEU B 507 -17.30 17.46 -26.21
N ILE B 508 -16.54 16.43 -25.87
CA ILE B 508 -17.07 15.06 -25.91
C ILE B 508 -18.11 14.87 -24.82
N GLY B 509 -17.97 15.60 -23.70
CA GLY B 509 -18.90 15.43 -22.60
C GLY B 509 -20.31 15.86 -22.91
N LEU B 510 -20.46 17.01 -23.56
CA LEU B 510 -21.78 17.59 -23.79
C LEU B 510 -22.36 17.25 -25.17
N LEU B 511 -21.53 16.82 -26.12
CA LEU B 511 -22.01 16.51 -27.45
C LEU B 511 -22.41 15.05 -27.64
N GLY B 512 -21.99 14.15 -26.75
CA GLY B 512 -22.36 12.76 -26.83
C GLY B 512 -23.86 12.55 -26.70
N PRO B 513 -24.47 13.15 -25.67
CA PRO B 513 -25.92 13.03 -25.47
C PRO B 513 -26.76 13.88 -26.41
N ARG B 514 -26.17 14.45 -27.46
CA ARG B 514 -26.90 15.30 -28.38
C ARG B 514 -26.84 14.87 -29.83
N LEU B 515 -26.07 13.82 -30.16
CA LEU B 515 -25.88 13.41 -31.55
C LEU B 515 -26.32 11.98 -31.82
N LEU B 516 -26.15 11.06 -30.88
CA LEU B 516 -26.46 9.65 -31.10
C LEU B 516 -27.53 9.20 -30.12
N GLN B 517 -28.56 10.02 -29.93
CA GLN B 517 -29.66 9.68 -29.03
C GLN B 517 -30.61 8.69 -29.70
#